data_7Y3O
#
_entry.id   7Y3O
#
_cell.length_a   47.230
_cell.length_b   74.839
_cell.length_c   214.499
_cell.angle_alpha   90.000
_cell.angle_beta   90.000
_cell.angle_gamma   90.000
#
_symmetry.space_group_name_H-M   'P 21 21 21'
#
loop_
_entity.id
_entity.type
_entity.pdbx_description
1 polymer 'Heavy chain of BIOLS56'
2 polymer 'Light chain of BIOLS56'
3 polymer 'Spike protein S1'
4 non-polymer 2-acetamido-2-deoxy-beta-D-glucopyranose
5 water water
#
loop_
_entity_poly.entity_id
_entity_poly.type
_entity_poly.pdbx_seq_one_letter_code
_entity_poly.pdbx_strand_id
1 'polypeptide(L)'
;EVQLVESGGGVVQPGGSLRLSCAVSGFTFDDYAMHWVRQAPGKGLDWVSLISGDGSYTYYADSVKGRFTISRDSSKNSLY
LQMNSLRTEDTALYYCAKAQTPTLWWLQDAFDIWGQGTMVTVSSASTKGPSVFPLAPSSKSTSGGTAALGCLVKDYFPEP
VTVSWNSGALTSGVHTFPAVLQSSGLYSLSSVVTVPSSSLGTQTYICNVNHKPSNTKVDKRVEPKS
;
H
2 'polypeptide(L)'
;DIQMTQSPSSLSASVGDRVTITCRASQSISNYLNWYQQKPGKAPKLLIYVASSLQSGVPSRFSGSGSGTDFTLTISSLQP
EDFATYYCQQSYSTPFTFGPGTKVDIKRTVAAPSVFIFPPSDEQLKSGTASVVCLLNNFYPREAKVQWKVDNALQSGNSQ
ESVTEQDSKDSTYSLSSTLTLSKADYEKHKVYACEVTHQGLSSPVTKSFNRGEC
;
L
3 'polypeptide(L)'
;NLCPFGEVFNATRFASVYAWNRKRISNCVADYSVLYNSASFSTFKCYGVSPTKLNDLCFTNVYADSFVIRGDEVRQIAPG
QTGKIADYNYKLPDDFTGCVIAWNSNNLDSKVGGNYNYLYRLFRKSNLKPFERDISTEIYQAGSTPCNGVEGFNCYFPLQ
SYGFQPTNGVGYQPYRVVVLSFELLHAPATVCGP
;
A
#
loop_
_chem_comp.id
_chem_comp.type
_chem_comp.name
_chem_comp.formula
NAG D-saccharide, beta linking 2-acetamido-2-deoxy-beta-D-glucopyranose 'C8 H15 N O6'
#
# COMPACT_ATOMS: atom_id res chain seq x y z
N GLU A 1 6.33 -14.16 20.65
CA GLU A 1 6.49 -13.37 19.44
C GLU A 1 5.60 -13.87 18.29
N VAL A 2 4.83 -12.95 17.70
CA VAL A 2 4.01 -13.28 16.54
C VAL A 2 4.90 -13.38 15.31
N GLN A 3 4.66 -14.43 14.51
CA GLN A 3 5.45 -14.69 13.31
C GLN A 3 4.54 -15.08 12.16
N LEU A 4 4.76 -14.48 10.99
CA LEU A 4 4.11 -14.82 9.75
C LEU A 4 5.20 -15.10 8.73
N VAL A 5 5.11 -16.23 8.03
CA VAL A 5 6.15 -16.68 7.09
C VAL A 5 5.48 -17.09 5.79
N GLU A 6 5.75 -16.36 4.72
CA GLU A 6 5.18 -16.64 3.41
C GLU A 6 6.10 -17.53 2.60
N SER A 7 5.51 -18.37 1.76
CA SER A 7 6.27 -19.16 0.79
C SER A 7 5.39 -19.41 -0.42
N GLY A 8 5.98 -20.01 -1.45
CA GLY A 8 5.28 -20.38 -2.66
C GLY A 8 5.53 -19.48 -3.86
N GLY A 9 6.24 -18.37 -3.69
CA GLY A 9 6.46 -17.48 -4.81
C GLY A 9 7.48 -18.03 -5.78
N GLY A 10 7.39 -17.57 -7.03
CA GLY A 10 8.34 -17.98 -8.04
C GLY A 10 8.01 -17.34 -9.37
N VAL A 11 8.68 -17.80 -10.41
CA VAL A 11 8.49 -17.25 -11.75
C VAL A 11 7.42 -18.07 -12.47
N VAL A 12 6.37 -17.39 -12.91
CA VAL A 12 5.26 -18.04 -13.61
C VAL A 12 5.06 -17.34 -14.95
N GLN A 13 4.49 -18.07 -15.84
CA GLN A 13 4.15 -17.49 -17.12
C GLN A 13 2.76 -16.83 -17.07
N PRO A 14 2.54 -15.75 -17.81
CA PRO A 14 1.20 -15.15 -17.88
C PRO A 14 0.16 -16.22 -18.18
N GLY A 15 -0.97 -16.16 -17.47
CA GLY A 15 -1.99 -17.18 -17.54
C GLY A 15 -1.80 -18.34 -16.59
N GLY A 16 -0.62 -18.49 -16.00
CA GLY A 16 -0.33 -19.60 -15.12
C GLY A 16 -0.98 -19.47 -13.75
N SER A 17 -0.66 -20.44 -12.90
CA SER A 17 -1.22 -20.55 -11.57
C SER A 17 -0.12 -20.70 -10.55
N LEU A 18 -0.40 -20.27 -9.33
CA LEU A 18 0.54 -20.39 -8.24
C LEU A 18 -0.24 -20.28 -6.95
N ARG A 19 0.15 -21.04 -5.94
CA ARG A 19 -0.48 -20.96 -4.63
C ARG A 19 0.52 -20.48 -3.59
N LEU A 20 0.13 -19.46 -2.83
CA LEU A 20 0.96 -18.89 -1.78
C LEU A 20 0.48 -19.36 -0.43
N SER A 21 1.43 -19.62 0.47
CA SER A 21 1.14 -20.07 1.83
C SER A 21 1.67 -19.07 2.83
N CYS A 22 1.03 -19.00 3.99
CA CYS A 22 1.48 -18.14 5.06
C CYS A 22 1.32 -18.89 6.38
N ALA A 23 2.45 -19.29 6.98
CA ALA A 23 2.43 -20.03 8.24
C ALA A 23 2.55 -19.07 9.40
N VAL A 24 1.66 -19.24 10.39
CA VAL A 24 1.52 -18.27 11.46
C VAL A 24 1.79 -18.95 12.79
N SER A 25 2.42 -18.22 13.70
CA SER A 25 2.58 -18.73 15.04
C SER A 25 2.56 -17.56 16.02
N GLY A 26 2.22 -17.85 17.27
CA GLY A 26 2.31 -16.88 18.32
C GLY A 26 1.04 -16.15 18.66
N PHE A 27 -0.11 -16.57 18.11
CA PHE A 27 -1.37 -15.96 18.45
C PHE A 27 -2.49 -16.94 18.11
N THR A 28 -3.68 -16.67 18.62
CA THR A 28 -4.83 -17.52 18.31
C THR A 28 -5.31 -17.18 16.89
N PHE A 29 -4.93 -18.01 15.92
CA PHE A 29 -5.15 -17.72 14.50
C PHE A 29 -6.62 -17.42 14.19
N ASP A 30 -7.52 -18.27 14.70
CA ASP A 30 -8.94 -18.19 14.38
C ASP A 30 -9.59 -16.93 14.92
N ASP A 31 -8.97 -16.23 15.84
CA ASP A 31 -9.56 -15.01 16.37
C ASP A 31 -9.40 -13.81 15.44
N TYR A 32 -8.63 -13.93 14.35
CA TYR A 32 -8.17 -12.77 13.60
C TYR A 32 -8.43 -12.91 12.11
N ALA A 33 -8.99 -11.84 11.52
CA ALA A 33 -8.96 -11.70 10.06
C ALA A 33 -7.51 -11.71 9.57
N MET A 34 -7.31 -12.23 8.36
CA MET A 34 -6.00 -12.27 7.76
C MET A 34 -6.07 -11.68 6.36
N HIS A 35 -4.93 -11.13 5.90
CA HIS A 35 -4.91 -10.30 4.70
C HIS A 35 -3.68 -10.62 3.87
N TRP A 36 -3.83 -10.42 2.56
CA TRP A 36 -2.71 -10.39 1.62
C TRP A 36 -2.58 -8.98 1.08
N VAL A 37 -1.37 -8.42 1.18
CA VAL A 37 -1.02 -7.11 0.65
C VAL A 37 0.25 -7.30 -0.18
N ARG A 38 0.29 -6.72 -1.38
CA ARG A 38 1.41 -6.91 -2.28
C ARG A 38 2.10 -5.59 -2.59
N GLN A 39 3.33 -5.69 -3.08
CA GLN A 39 4.14 -4.51 -3.34
C GLN A 39 4.92 -4.74 -4.64
N ALA A 40 4.48 -4.08 -5.70
CA ALA A 40 5.19 -4.19 -6.97
C ALA A 40 6.59 -3.60 -6.81
N PRO A 41 7.57 -4.10 -7.58
CA PRO A 41 8.93 -3.58 -7.45
C PRO A 41 8.97 -2.06 -7.58
N GLY A 42 9.60 -1.42 -6.60
CA GLY A 42 9.71 0.04 -6.56
C GLY A 42 8.41 0.82 -6.42
N LYS A 43 7.31 0.16 -6.12
CA LYS A 43 6.01 0.80 -6.00
C LYS A 43 5.57 0.81 -4.53
N GLY A 44 4.33 1.23 -4.30
CA GLY A 44 3.75 1.25 -2.97
C GLY A 44 2.98 -0.01 -2.61
N LEU A 45 2.15 0.12 -1.58
CA LEU A 45 1.42 -1.00 -1.02
C LEU A 45 0.05 -1.09 -1.68
N ASP A 46 -0.41 -2.33 -1.87
CA ASP A 46 -1.62 -2.60 -2.65
C ASP A 46 -2.35 -3.76 -1.97
N TRP A 47 -3.54 -3.51 -1.43
CA TRP A 47 -4.27 -4.52 -0.69
C TRP A 47 -4.99 -5.45 -1.66
N VAL A 48 -4.90 -6.75 -1.39
CA VAL A 48 -5.36 -7.78 -2.32
C VAL A 48 -6.62 -8.46 -1.84
N SER A 49 -6.65 -8.91 -0.58
CA SER A 49 -7.71 -9.81 -0.17
C SER A 49 -7.71 -9.97 1.34
N LEU A 50 -8.88 -10.33 1.88
CA LEU A 50 -9.01 -10.62 3.30
C LEU A 50 -9.88 -11.85 3.50
N ILE A 51 -9.79 -12.42 4.69
CA ILE A 51 -10.66 -13.51 5.11
C ILE A 51 -10.88 -13.37 6.61
N SER A 52 -12.14 -13.44 7.02
CA SER A 52 -12.45 -13.28 8.43
C SER A 52 -11.96 -14.50 9.21
N GLY A 53 -12.07 -14.40 10.54
CA GLY A 53 -11.47 -15.39 11.42
C GLY A 53 -11.98 -16.80 11.17
N ASP A 54 -13.29 -16.96 11.03
CA ASP A 54 -13.89 -18.27 10.84
C ASP A 54 -14.01 -18.67 9.38
N GLY A 55 -13.41 -17.89 8.49
CA GLY A 55 -13.40 -18.19 7.08
C GLY A 55 -14.67 -17.88 6.33
N SER A 56 -15.71 -17.36 7.02
CA SER A 56 -17.02 -17.21 6.40
C SER A 56 -17.13 -15.99 5.49
N TYR A 57 -16.33 -14.95 5.70
CA TYR A 57 -16.38 -13.76 4.86
C TYR A 57 -15.04 -13.55 4.17
N THR A 58 -15.08 -13.26 2.89
CA THR A 58 -13.89 -12.93 2.12
C THR A 58 -14.17 -11.73 1.24
N TYR A 59 -13.11 -11.04 0.84
CA TYR A 59 -13.22 -9.91 -0.08
C TYR A 59 -11.97 -9.81 -0.92
N TYR A 60 -12.11 -9.24 -2.12
CA TYR A 60 -11.02 -9.15 -3.08
C TYR A 60 -10.96 -7.77 -3.69
N ALA A 61 -9.74 -7.29 -3.93
CA ALA A 61 -9.58 -6.17 -4.84
C ALA A 61 -10.15 -6.53 -6.22
N ASP A 62 -10.75 -5.53 -6.87
CA ASP A 62 -11.36 -5.72 -8.18
C ASP A 62 -10.37 -6.34 -9.17
N SER A 63 -9.10 -5.94 -9.09
CA SER A 63 -8.12 -6.37 -10.08
C SER A 63 -7.90 -7.87 -10.04
N VAL A 64 -8.15 -8.51 -8.90
CA VAL A 64 -7.92 -9.94 -8.75
C VAL A 64 -9.19 -10.74 -8.57
N LYS A 65 -10.36 -10.09 -8.42
CA LYS A 65 -11.59 -10.85 -8.21
C LYS A 65 -11.84 -11.77 -9.39
N GLY A 66 -12.22 -13.01 -9.09
CA GLY A 66 -12.47 -13.99 -10.11
C GLY A 66 -11.25 -14.78 -10.54
N ARG A 67 -10.05 -14.30 -10.20
CA ARG A 67 -8.80 -15.01 -10.47
C ARG A 67 -8.16 -15.59 -9.22
N PHE A 68 -8.26 -14.89 -8.09
CA PHE A 68 -7.61 -15.26 -6.84
C PHE A 68 -8.63 -15.84 -5.87
N THR A 69 -8.19 -16.78 -5.03
CA THR A 69 -9.03 -17.30 -3.97
C THR A 69 -8.23 -17.38 -2.69
N ILE A 70 -8.74 -16.78 -1.62
CA ILE A 70 -8.10 -16.78 -0.32
C ILE A 70 -8.81 -17.80 0.56
N SER A 71 -8.05 -18.42 1.45
CA SER A 71 -8.56 -19.47 2.32
C SER A 71 -7.59 -19.67 3.46
N ARG A 72 -8.08 -20.28 4.53
CA ARG A 72 -7.28 -20.53 5.72
C ARG A 72 -7.58 -21.94 6.23
N ASP A 73 -6.59 -22.55 6.89
CA ASP A 73 -6.72 -23.87 7.49
C ASP A 73 -6.39 -23.77 8.97
N SER A 74 -7.43 -23.83 9.82
CA SER A 74 -7.22 -23.74 11.26
C SER A 74 -6.27 -24.82 11.77
N SER A 75 -6.41 -26.06 11.30
CA SER A 75 -5.58 -27.15 11.82
C SER A 75 -4.10 -26.92 11.53
N LYS A 76 -3.78 -26.22 10.45
CA LYS A 76 -2.40 -25.98 10.04
C LYS A 76 -1.95 -24.55 10.31
N ASN A 77 -2.76 -23.74 11.00
CA ASN A 77 -2.42 -22.33 11.28
C ASN A 77 -1.86 -21.64 10.03
N SER A 78 -2.57 -21.79 8.92
CA SER A 78 -2.00 -21.38 7.64
C SER A 78 -3.02 -20.61 6.83
N LEU A 79 -2.52 -19.64 6.07
CA LEU A 79 -3.30 -18.83 5.15
C LEU A 79 -2.78 -19.09 3.75
N TYR A 80 -3.69 -19.15 2.78
CA TYR A 80 -3.33 -19.42 1.39
C TYR A 80 -3.91 -18.36 0.48
N LEU A 81 -3.21 -18.12 -0.63
CA LEU A 81 -3.75 -17.36 -1.75
C LEU A 81 -3.56 -18.19 -3.00
N GLN A 82 -4.66 -18.65 -3.57
CA GLN A 82 -4.64 -19.37 -4.84
C GLN A 82 -4.77 -18.34 -5.96
N MET A 83 -3.74 -18.25 -6.82
CA MET A 83 -3.66 -17.19 -7.83
C MET A 83 -3.75 -17.82 -9.21
N ASN A 84 -4.90 -17.67 -9.87
CA ASN A 84 -5.11 -18.19 -11.20
C ASN A 84 -5.06 -17.07 -12.24
N SER A 85 -4.78 -17.46 -13.48
CA SER A 85 -4.80 -16.54 -14.62
C SER A 85 -3.93 -15.33 -14.37
N LEU A 86 -2.70 -15.57 -13.92
CA LEU A 86 -1.82 -14.50 -13.49
C LEU A 86 -1.43 -13.60 -14.67
N ARG A 87 -1.31 -12.31 -14.39
CA ARG A 87 -0.93 -11.30 -15.36
C ARG A 87 0.41 -10.69 -14.96
N THR A 88 1.10 -10.09 -15.93
CA THR A 88 2.39 -9.47 -15.63
C THR A 88 2.24 -8.46 -14.49
N GLU A 89 1.14 -7.70 -14.49
CA GLU A 89 1.01 -6.67 -13.47
C GLU A 89 0.69 -7.26 -12.10
N ASP A 90 0.55 -8.57 -11.99
CA ASP A 90 0.50 -9.21 -10.69
C ASP A 90 1.89 -9.37 -10.08
N THR A 91 2.94 -9.04 -10.81
CA THR A 91 4.30 -9.19 -10.29
C THR A 91 4.49 -8.28 -9.09
N ALA A 92 4.86 -8.88 -7.95
CA ALA A 92 4.96 -8.13 -6.69
C ALA A 92 5.48 -9.06 -5.61
N LEU A 93 6.04 -8.45 -4.57
CA LEU A 93 6.22 -9.13 -3.29
C LEU A 93 4.88 -9.21 -2.59
N TYR A 94 4.50 -10.42 -2.15
CA TYR A 94 3.19 -10.65 -1.54
C TYR A 94 3.38 -10.87 -0.04
N TYR A 95 2.83 -9.95 0.76
CA TYR A 95 2.86 -10.05 2.22
C TYR A 95 1.55 -10.64 2.72
N CYS A 96 1.63 -11.50 3.73
CA CYS A 96 0.43 -11.77 4.52
C CYS A 96 0.51 -10.93 5.79
N ALA A 97 -0.65 -10.54 6.29
CA ALA A 97 -0.73 -9.59 7.39
C ALA A 97 -1.90 -9.97 8.28
N LYS A 98 -1.69 -9.85 9.58
CA LYS A 98 -2.71 -10.19 10.56
C LYS A 98 -3.42 -8.92 10.97
N ALA A 99 -4.75 -9.00 11.09
CA ALA A 99 -5.53 -7.90 11.66
C ALA A 99 -5.19 -7.74 13.14
N GLN A 100 -5.25 -6.50 13.62
CA GLN A 100 -4.81 -6.22 14.98
C GLN A 100 -5.82 -6.70 16.02
N THR A 101 -7.11 -6.57 15.74
CA THR A 101 -8.16 -6.81 16.72
C THR A 101 -8.64 -8.25 16.67
N PRO A 102 -8.71 -8.94 17.80
CA PRO A 102 -9.41 -10.24 17.83
C PRO A 102 -10.92 -10.03 17.71
N THR A 103 -11.48 -10.34 16.54
CA THR A 103 -12.89 -10.12 16.26
C THR A 103 -13.26 -10.87 15.00
N LEU A 104 -14.52 -11.23 14.89
CA LEU A 104 -15.02 -11.85 13.67
C LEU A 104 -15.37 -10.82 12.59
N TRP A 105 -15.34 -9.53 12.91
CA TRP A 105 -15.46 -8.48 11.91
C TRP A 105 -14.13 -8.28 11.19
N TRP A 106 -14.14 -7.38 10.21
CA TRP A 106 -12.99 -7.24 9.33
C TRP A 106 -12.76 -5.81 8.86
N LEU A 107 -13.61 -4.84 9.21
CA LEU A 107 -13.41 -3.45 8.82
C LEU A 107 -12.85 -2.65 9.98
N GLN A 108 -12.39 -1.44 9.65
CA GLN A 108 -12.01 -0.40 10.63
C GLN A 108 -10.81 -0.81 11.49
N ASP A 109 -10.06 -1.81 11.06
CA ASP A 109 -8.94 -2.37 11.82
C ASP A 109 -7.60 -2.01 11.16
N ALA A 110 -6.50 -2.42 11.80
CA ALA A 110 -5.16 -2.22 11.26
C ALA A 110 -4.46 -3.58 11.10
N PHE A 111 -3.35 -3.56 10.38
CA PHE A 111 -2.51 -4.74 10.18
C PHE A 111 -1.29 -4.62 11.10
N ASP A 112 -1.35 -5.28 12.26
CA ASP A 112 -0.30 -5.06 13.25
C ASP A 112 0.96 -5.88 13.00
N ILE A 113 0.93 -6.93 12.19
CA ILE A 113 2.15 -7.69 11.94
C ILE A 113 2.14 -8.19 10.50
N TRP A 114 3.29 -8.09 9.84
CA TRP A 114 3.45 -8.48 8.45
C TRP A 114 4.57 -9.50 8.34
N GLY A 115 4.39 -10.48 7.46
CA GLY A 115 5.47 -11.34 7.09
C GLY A 115 6.47 -10.56 6.25
N GLN A 116 7.58 -11.20 5.91
CA GLN A 116 8.57 -10.51 5.09
C GLN A 116 8.31 -10.66 3.60
N GLY A 117 7.30 -11.43 3.18
CA GLY A 117 6.84 -11.47 1.81
C GLY A 117 7.46 -12.61 1.00
N THR A 118 6.78 -12.99 -0.09
CA THR A 118 7.31 -13.94 -1.06
C THR A 118 7.14 -13.36 -2.46
N MET A 119 8.17 -13.51 -3.31
CA MET A 119 8.20 -12.81 -4.58
C MET A 119 7.47 -13.59 -5.66
N VAL A 120 6.56 -12.91 -6.35
CA VAL A 120 5.83 -13.47 -7.48
C VAL A 120 6.21 -12.69 -8.72
N THR A 121 6.77 -13.38 -9.72
CA THR A 121 7.23 -12.76 -10.96
C THR A 121 6.49 -13.39 -12.13
N VAL A 122 5.68 -12.60 -12.82
CA VAL A 122 4.85 -13.10 -13.91
C VAL A 122 5.37 -12.51 -15.21
N SER A 123 6.04 -13.34 -16.02
CA SER A 123 6.64 -12.90 -17.26
C SER A 123 6.62 -14.01 -18.31
N SER A 124 6.51 -13.61 -19.56
CA SER A 124 6.65 -14.54 -20.69
C SER A 124 8.09 -14.67 -21.17
N ALA A 125 9.03 -13.96 -20.53
CA ALA A 125 10.42 -14.07 -20.92
C ALA A 125 11.00 -15.43 -20.52
N SER A 126 11.98 -15.87 -21.28
CA SER A 126 12.73 -17.09 -21.01
C SER A 126 14.03 -16.77 -20.30
N THR A 127 14.48 -17.71 -19.47
CA THR A 127 15.75 -17.58 -18.78
C THR A 127 16.87 -17.30 -19.77
N LYS A 128 17.67 -16.30 -19.45
CA LYS A 128 18.68 -15.83 -20.40
C LYS A 128 19.76 -15.12 -19.61
N GLY A 129 21.02 -15.45 -19.88
CA GLY A 129 22.11 -14.82 -19.21
C GLY A 129 22.37 -13.44 -19.78
N PRO A 130 23.03 -12.57 -19.03
CA PRO A 130 23.35 -11.23 -19.53
C PRO A 130 24.60 -11.22 -20.40
N SER A 131 24.65 -10.23 -21.30
CA SER A 131 25.92 -9.82 -21.89
C SER A 131 26.54 -8.75 -20.99
N VAL A 132 27.88 -8.77 -20.87
CA VAL A 132 28.59 -7.86 -19.99
C VAL A 132 29.53 -7.02 -20.84
N PHE A 133 29.41 -5.69 -20.72
CA PHE A 133 30.21 -4.77 -21.52
C PHE A 133 30.94 -3.77 -20.63
N PRO A 134 32.17 -3.44 -20.96
CA PRO A 134 32.90 -2.46 -20.15
C PRO A 134 32.30 -1.07 -20.29
N LEU A 135 32.39 -0.32 -19.21
CA LEU A 135 32.19 1.12 -19.18
C LEU A 135 33.59 1.70 -18.91
N ALA A 136 34.31 2.03 -20.00
CA ALA A 136 35.75 2.25 -19.86
C ALA A 136 36.04 3.67 -19.39
N PRO A 137 36.99 3.84 -18.46
CA PRO A 137 37.29 5.19 -17.95
C PRO A 137 37.77 6.10 -19.06
N SER A 138 37.48 7.40 -18.90
CA SER A 138 37.92 8.37 -19.89
C SER A 138 39.44 8.49 -19.89
N SER A 139 40.01 8.49 -21.10
CA SER A 139 41.44 8.79 -21.22
C SER A 139 41.71 10.29 -21.28
N LYS A 140 40.66 11.12 -21.28
CA LYS A 140 40.81 12.57 -21.46
C LYS A 140 41.03 13.33 -20.15
N SER A 141 40.67 12.76 -19.00
CA SER A 141 40.79 13.46 -17.73
C SER A 141 42.26 13.65 -17.37
N THR A 142 42.72 14.91 -17.34
CA THR A 142 44.05 15.23 -16.84
C THR A 142 44.04 15.61 -15.35
N SER A 143 42.86 15.82 -14.78
CA SER A 143 42.73 16.09 -13.35
C SER A 143 43.15 14.88 -12.53
N GLY A 144 43.86 15.15 -11.42
CA GLY A 144 44.28 14.13 -10.48
C GLY A 144 43.18 13.58 -9.60
N GLY A 145 41.91 13.89 -9.88
CA GLY A 145 40.79 13.44 -9.10
C GLY A 145 40.46 11.97 -9.30
N THR A 146 39.24 11.61 -8.96
CA THR A 146 38.82 10.24 -9.11
C THR A 146 38.26 9.99 -10.51
N ALA A 147 38.43 8.76 -10.99
CA ALA A 147 37.93 8.35 -12.28
C ALA A 147 36.83 7.32 -12.10
N ALA A 148 35.88 7.30 -13.03
CA ALA A 148 34.75 6.39 -12.99
C ALA A 148 34.90 5.31 -14.04
N LEU A 149 34.64 4.08 -13.65
CA LEU A 149 34.56 2.98 -14.60
C LEU A 149 33.47 2.03 -14.13
N GLY A 150 33.11 1.09 -15.00
CA GLY A 150 32.01 0.21 -14.64
C GLY A 150 31.76 -0.90 -15.64
N CYS A 151 30.65 -1.60 -15.43
CA CYS A 151 30.26 -2.73 -16.27
C CYS A 151 28.77 -2.65 -16.52
N LEU A 152 28.37 -2.82 -17.78
CA LEU A 152 26.97 -2.86 -18.19
C LEU A 152 26.54 -4.32 -18.29
N VAL A 153 25.49 -4.67 -17.55
CA VAL A 153 24.99 -6.04 -17.48
C VAL A 153 23.62 -6.04 -18.14
N LYS A 154 23.59 -6.33 -19.44
CA LYS A 154 22.42 -6.07 -20.27
C LYS A 154 21.73 -7.37 -20.70
N ASP A 155 20.40 -7.35 -20.65
CA ASP A 155 19.53 -8.36 -21.25
C ASP A 155 19.56 -9.71 -20.56
N TYR A 156 19.10 -9.78 -19.31
CA TYR A 156 19.04 -11.04 -18.56
C TYR A 156 17.63 -11.23 -17.99
N PHE A 157 17.30 -12.51 -17.68
CA PHE A 157 16.06 -12.85 -17.00
C PHE A 157 16.24 -14.21 -16.35
N PRO A 158 15.74 -14.43 -15.13
CA PRO A 158 15.08 -13.44 -14.30
C PRO A 158 16.09 -12.73 -13.41
N GLU A 159 15.59 -11.86 -12.54
CA GLU A 159 16.37 -11.39 -11.41
C GLU A 159 16.77 -12.58 -10.54
N PRO A 160 17.88 -12.48 -9.80
CA PRO A 160 18.81 -11.36 -9.76
C PRO A 160 20.18 -11.65 -10.41
N VAL A 161 20.97 -10.61 -10.64
CA VAL A 161 22.40 -10.75 -10.91
C VAL A 161 23.14 -10.18 -9.72
N THR A 162 24.36 -10.67 -9.51
CA THR A 162 25.28 -10.08 -8.56
C THR A 162 26.55 -9.65 -9.29
N VAL A 163 27.13 -8.56 -8.82
CA VAL A 163 28.37 -8.02 -9.37
C VAL A 163 29.30 -7.74 -8.22
N SER A 164 30.53 -8.20 -8.33
CA SER A 164 31.62 -7.77 -7.46
C SER A 164 32.75 -7.22 -8.33
N TRP A 165 33.76 -6.66 -7.68
CA TRP A 165 34.89 -6.08 -8.38
C TRP A 165 36.18 -6.68 -7.81
N ASN A 166 37.03 -7.18 -8.70
CA ASN A 166 38.31 -7.75 -8.31
C ASN A 166 38.11 -8.84 -7.24
N SER A 167 37.11 -9.69 -7.47
CA SER A 167 36.82 -10.87 -6.65
C SER A 167 36.44 -10.50 -5.23
N GLY A 168 35.82 -9.35 -5.06
CA GLY A 168 35.41 -8.88 -3.76
C GLY A 168 36.45 -8.04 -3.04
N ALA A 169 37.66 -7.90 -3.61
CA ALA A 169 38.73 -7.07 -3.06
C ALA A 169 38.52 -5.57 -3.27
N LEU A 170 37.59 -5.16 -4.13
CA LEU A 170 37.30 -3.74 -4.34
C LEU A 170 35.83 -3.53 -4.03
N THR A 171 35.54 -2.83 -2.92
CA THR A 171 34.18 -2.53 -2.54
C THR A 171 33.91 -1.05 -2.29
N SER A 172 34.94 -0.27 -1.99
CA SER A 172 34.73 1.14 -1.69
C SER A 172 34.44 1.90 -2.99
N GLY A 173 33.43 2.77 -2.95
CA GLY A 173 33.10 3.58 -4.09
C GLY A 173 32.35 2.84 -5.17
N VAL A 174 31.85 1.65 -4.87
CA VAL A 174 31.09 0.84 -5.80
C VAL A 174 29.62 1.24 -5.71
N HIS A 175 28.98 1.43 -6.86
CA HIS A 175 27.53 1.55 -6.92
C HIS A 175 27.01 0.56 -7.95
N THR A 176 26.27 -0.44 -7.49
CA THR A 176 25.55 -1.35 -8.37
C THR A 176 24.08 -0.95 -8.37
N PHE A 177 23.62 -0.41 -9.49
CA PHE A 177 22.27 0.12 -9.55
C PHE A 177 21.23 -1.00 -9.58
N PRO A 178 20.03 -0.72 -9.07
CA PRO A 178 18.92 -1.66 -9.25
C PRO A 178 18.63 -1.87 -10.73
N ALA A 179 18.27 -3.10 -11.06
CA ALA A 179 17.89 -3.44 -12.42
C ALA A 179 16.70 -2.62 -12.89
N VAL A 180 16.63 -2.38 -14.19
CA VAL A 180 15.43 -1.88 -14.83
C VAL A 180 14.89 -2.99 -15.71
N LEU A 181 13.56 -3.06 -15.79
CA LEU A 181 12.88 -3.98 -16.70
C LEU A 181 12.68 -3.23 -18.01
N GLN A 182 13.36 -3.68 -19.05
CA GLN A 182 13.24 -3.11 -20.37
C GLN A 182 11.94 -3.56 -21.04
N SER A 183 11.56 -2.83 -22.10
CA SER A 183 10.33 -3.16 -22.81
C SER A 183 10.39 -4.54 -23.47
N SER A 184 11.59 -5.07 -23.72
CA SER A 184 11.71 -6.44 -24.24
C SER A 184 11.41 -7.51 -23.19
N GLY A 185 11.10 -7.15 -21.95
CA GLY A 185 10.92 -8.12 -20.88
C GLY A 185 12.20 -8.57 -20.20
N LEU A 186 13.36 -8.07 -20.64
CA LEU A 186 14.64 -8.43 -20.06
C LEU A 186 15.14 -7.32 -19.16
N TYR A 187 15.93 -7.70 -18.16
CA TYR A 187 16.49 -6.73 -17.24
C TYR A 187 17.86 -6.25 -17.71
N SER A 188 18.24 -5.07 -17.20
CA SER A 188 19.53 -4.47 -17.46
C SER A 188 19.97 -3.74 -16.21
N LEU A 189 21.28 -3.62 -16.03
CA LEU A 189 21.84 -3.08 -14.79
C LEU A 189 23.27 -2.64 -15.08
N SER A 190 23.68 -1.51 -14.52
CA SER A 190 25.08 -1.14 -14.53
C SER A 190 25.66 -1.19 -13.12
N SER A 191 26.94 -1.51 -13.04
CA SER A 191 27.72 -1.41 -11.81
C SER A 191 28.93 -0.54 -12.09
N VAL A 192 29.13 0.49 -11.26
CA VAL A 192 30.22 1.43 -11.47
C VAL A 192 31.03 1.56 -10.20
N VAL A 193 32.24 2.08 -10.35
CA VAL A 193 33.13 2.34 -9.21
C VAL A 193 33.97 3.56 -9.55
N THR A 194 34.16 4.45 -8.57
CA THR A 194 35.13 5.53 -8.72
C THR A 194 36.40 5.14 -7.96
N VAL A 195 37.54 5.39 -8.62
CA VAL A 195 38.86 5.02 -8.10
C VAL A 195 39.76 6.22 -8.30
N PRO A 196 40.90 6.29 -7.60
CA PRO A 196 41.86 7.35 -7.88
C PRO A 196 42.38 7.21 -9.30
N SER A 197 42.36 8.31 -10.04
CA SER A 197 42.94 8.28 -11.38
C SER A 197 44.42 7.95 -11.34
N SER A 198 45.11 8.32 -10.25
CA SER A 198 46.54 8.04 -10.13
C SER A 198 46.84 6.54 -10.15
N SER A 199 45.83 5.69 -9.96
CA SER A 199 46.03 4.24 -9.99
C SER A 199 45.64 3.62 -11.32
N LEU A 200 45.20 4.42 -12.30
CA LEU A 200 44.60 3.84 -13.51
C LEU A 200 45.60 3.03 -14.32
N GLY A 201 46.87 3.42 -14.33
CA GLY A 201 47.87 2.64 -15.05
C GLY A 201 48.22 1.35 -14.34
N THR A 202 48.27 1.39 -13.01
CA THR A 202 48.74 0.25 -12.20
C THR A 202 47.63 -0.77 -11.97
N GLN A 203 46.62 -0.38 -11.19
CA GLN A 203 45.62 -1.31 -10.70
C GLN A 203 44.79 -1.89 -11.84
N THR A 204 44.65 -3.22 -11.85
CA THR A 204 43.73 -3.89 -12.75
C THR A 204 42.32 -3.86 -12.15
N TYR A 205 41.31 -3.70 -13.01
CA TYR A 205 39.92 -3.61 -12.58
C TYR A 205 39.06 -4.56 -13.41
N ILE A 206 38.43 -5.52 -12.72
CA ILE A 206 37.66 -6.61 -13.33
C ILE A 206 36.32 -6.67 -12.61
N CYS A 207 35.23 -6.68 -13.35
CA CYS A 207 33.94 -6.88 -12.73
C CYS A 207 33.59 -8.36 -12.84
N ASN A 208 33.07 -8.92 -11.76
CA ASN A 208 32.72 -10.34 -11.69
C ASN A 208 31.19 -10.42 -11.66
N VAL A 209 30.60 -10.92 -12.74
CA VAL A 209 29.15 -10.96 -12.92
C VAL A 209 28.67 -12.41 -12.80
N ASN A 210 27.66 -12.63 -11.97
CA ASN A 210 27.10 -13.97 -11.79
C ASN A 210 25.59 -13.92 -11.93
N HIS A 211 25.03 -14.78 -12.78
CA HIS A 211 23.59 -14.92 -12.96
C HIS A 211 23.27 -16.41 -12.82
N LYS A 212 22.94 -16.82 -11.59
CA LYS A 212 22.73 -18.24 -11.34
C LYS A 212 21.64 -18.89 -12.20
N PRO A 213 20.47 -18.28 -12.43
CA PRO A 213 19.43 -18.98 -13.20
C PRO A 213 19.87 -19.39 -14.59
N SER A 214 20.76 -18.64 -15.24
CA SER A 214 21.28 -19.04 -16.54
C SER A 214 22.65 -19.68 -16.46
N ASN A 215 23.19 -19.83 -15.24
CA ASN A 215 24.53 -20.37 -15.01
C ASN A 215 25.62 -19.52 -15.68
N THR A 216 25.41 -18.21 -15.77
CA THR A 216 26.40 -17.30 -16.37
C THR A 216 27.32 -16.76 -15.30
N LYS A 217 28.62 -16.84 -15.56
CA LYS A 217 29.64 -16.30 -14.65
C LYS A 217 30.73 -15.70 -15.55
N VAL A 218 30.76 -14.37 -15.63
CA VAL A 218 31.65 -13.67 -16.57
C VAL A 218 32.49 -12.69 -15.79
N ASP A 219 33.78 -12.63 -16.10
CA ASP A 219 34.71 -11.63 -15.59
C ASP A 219 35.13 -10.78 -16.78
N LYS A 220 34.85 -9.49 -16.70
CA LYS A 220 35.15 -8.55 -17.77
C LYS A 220 36.19 -7.56 -17.26
N ARG A 221 37.32 -7.49 -17.95
CA ARG A 221 38.34 -6.51 -17.66
C ARG A 221 37.90 -5.14 -18.19
N VAL A 222 38.11 -4.09 -17.38
CA VAL A 222 37.72 -2.72 -17.73
C VAL A 222 38.97 -1.86 -17.59
N GLU A 223 39.45 -1.32 -18.71
CA GLU A 223 40.68 -0.54 -18.75
C GLU A 223 40.48 0.63 -19.70
N PRO A 224 41.30 1.68 -19.56
CA PRO A 224 41.29 2.77 -20.55
C PRO A 224 41.57 2.26 -21.96
N LYS A 225 41.16 3.06 -22.94
CA LYS A 225 41.18 2.66 -24.34
C LYS A 225 41.92 3.70 -25.16
N SER A 226 42.81 3.24 -26.05
CA SER A 226 43.57 4.09 -26.98
C SER A 226 44.23 5.30 -26.34
N ASP B 1 -13.54 3.07 -5.43
CA ASP B 1 -12.51 2.98 -4.39
C ASP B 1 -12.25 4.33 -3.76
N ILE B 2 -12.11 4.38 -2.43
CA ILE B 2 -11.67 5.59 -1.77
C ILE B 2 -10.19 5.83 -2.08
N GLN B 3 -9.90 6.95 -2.74
CA GLN B 3 -8.52 7.29 -3.13
C GLN B 3 -7.82 8.04 -2.01
N MET B 4 -6.62 7.59 -1.66
CA MET B 4 -5.80 8.21 -0.62
C MET B 4 -4.60 8.92 -1.25
N THR B 5 -4.41 10.19 -0.91
CA THR B 5 -3.22 10.92 -1.35
C THR B 5 -2.39 11.32 -0.14
N GLN B 6 -1.12 11.70 -0.38
CA GLN B 6 -0.21 12.11 0.68
C GLN B 6 0.64 13.27 0.20
N SER B 7 1.06 14.09 1.15
CA SER B 7 1.87 15.24 0.83
C SER B 7 2.84 15.49 1.99
N PRO B 8 4.10 15.89 1.72
CA PRO B 8 4.70 15.95 0.38
C PRO B 8 5.04 14.53 -0.12
N SER B 9 5.42 14.39 -1.38
CA SER B 9 5.81 13.07 -1.86
C SER B 9 7.12 12.63 -1.25
N SER B 10 8.00 13.58 -0.95
CA SER B 10 9.28 13.27 -0.33
C SER B 10 9.68 14.45 0.54
N LEU B 11 10.44 14.17 1.59
CA LEU B 11 10.85 15.21 2.53
C LEU B 11 12.30 14.98 2.94
N SER B 12 13.09 16.05 2.92
CA SER B 12 14.45 16.06 3.45
C SER B 12 14.41 16.61 4.87
N ALA B 13 15.00 15.89 5.82
CA ALA B 13 14.99 16.36 7.19
C ALA B 13 16.29 16.02 7.87
N SER B 14 16.56 16.70 8.99
CA SER B 14 17.71 16.47 9.85
C SER B 14 17.27 15.91 11.19
N VAL B 15 18.18 15.16 11.84
CA VAL B 15 17.93 14.72 13.21
C VAL B 15 17.53 15.93 14.05
N GLY B 16 16.51 15.75 14.90
CA GLY B 16 16.00 16.83 15.71
C GLY B 16 14.94 17.68 15.04
N ASP B 17 14.72 17.55 13.73
CA ASP B 17 13.69 18.32 13.06
C ASP B 17 12.29 17.92 13.50
N ARG B 18 11.36 18.87 13.45
CA ARG B 18 9.94 18.57 13.53
C ARG B 18 9.41 18.29 12.13
N VAL B 19 8.67 17.19 11.98
CA VAL B 19 8.23 16.72 10.68
C VAL B 19 6.72 16.51 10.74
N THR B 20 6.04 17.05 9.74
CA THR B 20 4.59 16.95 9.57
C THR B 20 4.34 16.47 8.14
N ILE B 21 3.69 15.33 8.00
CA ILE B 21 3.28 14.85 6.69
C ILE B 21 1.78 14.57 6.77
N THR B 22 1.11 14.66 5.61
CA THR B 22 -0.35 14.63 5.58
C THR B 22 -0.87 13.56 4.65
N CYS B 23 -2.11 13.18 4.90
CA CYS B 23 -2.81 12.15 4.14
C CYS B 23 -4.25 12.59 3.98
N ARG B 24 -4.80 12.40 2.77
CA ARG B 24 -6.15 12.82 2.44
C ARG B 24 -6.95 11.66 1.85
N ALA B 25 -8.21 11.51 2.27
CA ALA B 25 -9.12 10.54 1.69
C ALA B 25 -10.11 11.25 0.77
N SER B 26 -10.45 10.60 -0.34
CA SER B 26 -11.35 11.23 -1.32
C SER B 26 -12.78 11.37 -0.81
N GLN B 27 -13.13 10.72 0.31
CA GLN B 27 -14.40 10.87 0.98
C GLN B 27 -14.20 10.54 2.45
N SER B 28 -15.19 10.82 3.28
CA SER B 28 -15.03 10.67 4.72
C SER B 28 -14.77 9.22 5.11
N ILE B 29 -13.82 9.01 6.01
CA ILE B 29 -13.52 7.66 6.50
C ILE B 29 -13.51 7.71 8.01
N SER B 30 -14.14 8.76 8.56
CA SER B 30 -14.20 8.99 10.00
C SER B 30 -12.75 9.02 10.48
N ASN B 31 -12.40 8.27 11.52
CA ASN B 31 -11.01 8.21 11.94
C ASN B 31 -10.38 6.84 11.65
N TYR B 32 -10.87 6.15 10.63
CA TYR B 32 -10.45 4.76 10.37
C TYR B 32 -9.31 4.79 9.34
N LEU B 33 -8.18 5.32 9.83
CA LEU B 33 -7.00 5.63 9.04
C LEU B 33 -5.76 5.20 9.82
N ASN B 34 -4.91 4.43 9.16
CA ASN B 34 -3.72 3.88 9.79
C ASN B 34 -2.47 4.40 9.10
N TRP B 35 -1.36 4.42 9.83
CA TRP B 35 -0.06 4.82 9.31
C TRP B 35 0.93 3.68 9.49
N TYR B 36 1.62 3.34 8.41
CA TYR B 36 2.69 2.36 8.42
C TYR B 36 4.02 3.01 8.04
N GLN B 37 5.09 2.43 8.56
CA GLN B 37 6.45 2.87 8.29
C GLN B 37 7.22 1.70 7.66
N GLN B 38 8.00 1.98 6.61
CA GLN B 38 8.66 0.92 5.87
C GLN B 38 10.07 1.37 5.50
N LYS B 39 11.06 0.50 5.74
CA LYS B 39 12.43 0.73 5.35
C LYS B 39 12.83 -0.23 4.23
N PRO B 40 13.81 0.13 3.41
CA PRO B 40 14.08 -0.67 2.20
C PRO B 40 14.37 -2.13 2.56
N GLY B 41 13.85 -3.04 1.74
CA GLY B 41 14.06 -4.45 2.00
C GLY B 41 13.30 -5.03 3.18
N LYS B 42 12.41 -4.27 3.81
CA LYS B 42 11.71 -4.75 4.99
C LYS B 42 10.22 -4.56 4.83
N ALA B 43 9.45 -5.35 5.57
CA ALA B 43 8.01 -5.22 5.54
C ALA B 43 7.59 -3.96 6.30
N PRO B 44 6.41 -3.42 5.98
CA PRO B 44 5.91 -2.27 6.75
C PRO B 44 5.65 -2.68 8.20
N LYS B 45 5.74 -1.68 9.08
CA LYS B 45 5.37 -1.84 10.47
C LYS B 45 4.23 -0.90 10.79
N LEU B 46 3.29 -1.38 11.60
CA LEU B 46 2.19 -0.53 12.03
C LEU B 46 2.71 0.51 13.02
N LEU B 47 2.44 1.77 12.74
CA LEU B 47 2.86 2.87 13.58
C LEU B 47 1.70 3.47 14.37
N ILE B 48 0.62 3.84 13.67
CA ILE B 48 -0.53 4.51 14.25
C ILE B 48 -1.78 3.82 13.71
N TYR B 49 -2.76 3.59 14.59
CA TYR B 49 -4.03 2.99 14.15
C TYR B 49 -5.19 3.87 14.58
N VAL B 50 -6.30 3.74 13.85
CA VAL B 50 -7.50 4.57 14.06
C VAL B 50 -7.08 6.02 14.31
N ALA B 51 -6.25 6.54 13.38
CA ALA B 51 -5.90 7.95 13.20
C ALA B 51 -4.93 8.50 14.24
N SER B 52 -5.09 8.13 15.52
CA SER B 52 -4.32 8.79 16.56
C SER B 52 -3.71 7.87 17.62
N SER B 53 -3.99 6.55 17.60
CA SER B 53 -3.48 5.65 18.62
C SER B 53 -2.13 5.06 18.22
N LEU B 54 -1.15 5.14 19.12
CA LEU B 54 0.19 4.69 18.81
C LEU B 54 0.28 3.20 19.05
N GLN B 55 0.84 2.49 18.08
CA GLN B 55 1.11 1.07 18.30
C GLN B 55 2.08 0.89 19.47
N SER B 56 1.93 -0.22 20.17
CA SER B 56 2.84 -0.57 21.24
C SER B 56 4.29 -0.53 20.75
N GLY B 57 5.15 0.13 21.51
CA GLY B 57 6.55 0.24 21.14
C GLY B 57 6.89 1.40 20.24
N VAL B 58 5.91 2.22 19.85
CA VAL B 58 6.18 3.42 19.08
C VAL B 58 6.42 4.55 20.08
N PRO B 59 7.45 5.37 19.92
CA PRO B 59 7.79 6.35 20.96
C PRO B 59 6.97 7.64 20.85
N SER B 60 6.92 8.37 21.98
CA SER B 60 5.97 9.47 22.14
C SER B 60 6.18 10.62 21.16
N ARG B 61 7.37 10.73 20.55
CA ARG B 61 7.58 11.82 19.58
C ARG B 61 6.66 11.71 18.36
N PHE B 62 6.07 10.53 18.11
CA PHE B 62 5.07 10.34 17.06
C PHE B 62 3.68 10.71 17.57
N SER B 63 2.89 11.34 16.70
CA SER B 63 1.46 11.48 16.96
C SER B 63 0.71 11.54 15.63
N GLY B 64 -0.58 11.25 15.70
CA GLY B 64 -1.43 11.32 14.54
C GLY B 64 -2.74 12.02 14.88
N SER B 65 -3.30 12.70 13.89
CA SER B 65 -4.54 13.42 14.12
C SER B 65 -5.36 13.43 12.83
N GLY B 66 -6.62 13.82 12.98
CA GLY B 66 -7.51 13.93 11.85
C GLY B 66 -8.74 13.06 12.02
N SER B 67 -9.84 13.50 11.43
CA SER B 67 -11.07 12.73 11.35
C SER B 67 -11.88 13.26 10.18
N GLY B 68 -12.35 12.37 9.33
CA GLY B 68 -13.05 12.77 8.12
C GLY B 68 -12.24 12.51 6.87
N THR B 69 -11.54 13.53 6.35
CA THR B 69 -10.80 13.40 5.11
C THR B 69 -9.33 13.76 5.19
N ASP B 70 -8.91 14.57 6.16
CA ASP B 70 -7.56 15.10 6.24
C ASP B 70 -6.88 14.64 7.52
N PHE B 71 -5.71 14.02 7.39
CA PHE B 71 -5.00 13.44 8.51
C PHE B 71 -3.55 13.89 8.45
N THR B 72 -2.91 13.94 9.62
CA THR B 72 -1.51 14.36 9.69
C THR B 72 -0.75 13.43 10.62
N LEU B 73 0.50 13.16 10.26
CA LEU B 73 1.44 12.46 11.12
C LEU B 73 2.52 13.45 11.50
N THR B 74 2.82 13.54 12.79
CA THR B 74 3.79 14.51 13.27
C THR B 74 4.85 13.79 14.07
N ILE B 75 6.10 14.10 13.78
CA ILE B 75 7.23 13.59 14.54
C ILE B 75 7.90 14.81 15.16
N SER B 76 7.85 14.92 16.49
CA SER B 76 8.25 16.16 17.14
C SER B 76 9.76 16.40 17.07
N SER B 77 10.57 15.34 17.06
CA SER B 77 12.02 15.48 16.96
C SER B 77 12.56 14.22 16.26
N LEU B 78 12.84 14.37 14.95
CA LEU B 78 13.21 13.23 14.13
C LEU B 78 14.50 12.59 14.61
N GLN B 79 14.49 11.27 14.72
CA GLN B 79 15.60 10.49 15.20
C GLN B 79 16.11 9.63 14.07
N PRO B 80 17.36 9.13 14.15
CA PRO B 80 17.92 8.39 13.01
C PRO B 80 17.06 7.20 12.58
N GLU B 81 16.45 6.49 13.52
CA GLU B 81 15.64 5.34 13.13
C GLU B 81 14.31 5.73 12.48
N ASP B 82 14.03 7.02 12.31
CA ASP B 82 12.77 7.43 11.72
C ASP B 82 12.85 7.65 10.21
N PHE B 83 14.06 7.72 9.64
CA PHE B 83 14.17 7.87 8.20
C PHE B 83 13.62 6.63 7.52
N ALA B 84 12.61 6.84 6.68
CA ALA B 84 11.81 5.74 6.13
C ALA B 84 10.75 6.27 5.17
N THR B 85 9.97 5.37 4.55
CA THR B 85 8.77 5.78 3.84
C THR B 85 7.53 5.53 4.71
N TYR B 86 6.60 6.49 4.73
CA TYR B 86 5.39 6.43 5.54
C TYR B 86 4.17 6.36 4.63
N TYR B 87 3.28 5.42 4.93
CA TYR B 87 2.08 5.17 4.14
C TYR B 87 0.88 5.29 5.05
N CYS B 88 -0.17 5.95 4.58
CA CYS B 88 -1.45 5.91 5.27
C CYS B 88 -2.37 4.94 4.56
N GLN B 89 -3.38 4.46 5.29
CA GLN B 89 -4.27 3.44 4.77
C GLN B 89 -5.63 3.59 5.41
N GLN B 90 -6.67 3.59 4.58
CA GLN B 90 -8.04 3.67 5.11
C GLN B 90 -8.56 2.26 5.34
N SER B 91 -9.21 2.08 6.48
CA SER B 91 -9.86 0.82 6.81
C SER B 91 -11.39 0.96 6.82
N TYR B 92 -11.93 2.11 6.40
CA TYR B 92 -13.35 2.34 6.54
C TYR B 92 -14.18 1.45 5.62
N SER B 93 -13.67 1.15 4.43
CA SER B 93 -14.48 0.45 3.43
C SER B 93 -13.57 -0.42 2.58
N THR B 94 -14.05 -1.64 2.26
CA THR B 94 -13.40 -2.46 1.26
C THR B 94 -13.73 -1.96 -0.14
N PRO B 95 -12.79 -2.05 -1.10
CA PRO B 95 -11.43 -2.54 -0.87
C PRO B 95 -10.58 -1.52 -0.13
N PHE B 96 -9.69 -2.00 0.74
CA PHE B 96 -8.80 -1.09 1.46
C PHE B 96 -7.81 -0.46 0.50
N THR B 97 -7.50 0.81 0.73
CA THR B 97 -6.59 1.53 -0.14
C THR B 97 -5.51 2.22 0.66
N PHE B 98 -4.35 2.43 0.04
CA PHE B 98 -3.20 3.07 0.64
C PHE B 98 -2.87 4.36 -0.09
N GLY B 99 -2.40 5.36 0.66
CA GLY B 99 -1.71 6.48 0.08
C GLY B 99 -0.44 6.03 -0.61
N PRO B 100 0.14 6.92 -1.42
CA PRO B 100 1.31 6.50 -2.22
C PRO B 100 2.64 6.58 -1.50
N GLY B 101 2.68 7.10 -0.27
CA GLY B 101 3.89 7.13 0.54
C GLY B 101 4.57 8.49 0.55
N THR B 102 5.20 8.81 1.68
CA THR B 102 6.09 9.96 1.80
C THR B 102 7.42 9.43 2.30
N LYS B 103 8.48 9.62 1.51
CA LYS B 103 9.83 9.21 1.90
C LYS B 103 10.51 10.36 2.62
N VAL B 104 11.02 10.08 3.82
CA VAL B 104 11.78 11.05 4.60
C VAL B 104 13.25 10.63 4.55
N ASP B 105 14.10 11.40 3.87
CA ASP B 105 15.51 11.03 3.80
C ASP B 105 16.37 12.01 4.59
N ILE B 106 17.66 11.71 4.66
CA ILE B 106 18.60 12.44 5.51
C ILE B 106 19.13 13.66 4.77
N LYS B 107 18.85 14.84 5.30
CA LYS B 107 19.43 16.08 4.80
C LYS B 107 20.94 16.13 5.03
N ARG B 108 21.68 16.55 4.01
CA ARG B 108 23.10 16.80 4.15
C ARG B 108 23.43 17.96 3.22
N THR B 109 24.61 18.54 3.41
CA THR B 109 25.01 19.66 2.56
C THR B 109 24.88 19.25 1.10
N VAL B 110 24.45 20.19 0.27
CA VAL B 110 24.31 19.96 -1.15
C VAL B 110 25.62 19.45 -1.71
N ALA B 111 25.54 18.39 -2.52
CA ALA B 111 26.69 17.89 -3.28
C ALA B 111 26.28 17.75 -4.73
N ALA B 112 26.97 18.48 -5.61
CA ALA B 112 26.70 18.36 -7.04
C ALA B 112 27.14 16.98 -7.56
N PRO B 113 26.44 16.45 -8.55
CA PRO B 113 26.89 15.18 -9.15
C PRO B 113 28.19 15.34 -9.90
N SER B 114 29.10 14.38 -9.73
CA SER B 114 30.19 14.19 -10.68
C SER B 114 29.65 13.39 -11.87
N VAL B 115 29.72 13.95 -13.06
CA VAL B 115 29.07 13.38 -14.24
C VAL B 115 30.12 12.75 -15.14
N PHE B 116 29.82 11.55 -15.63
CA PHE B 116 30.67 10.82 -16.55
C PHE B 116 29.81 10.24 -17.65
N ILE B 117 30.29 10.29 -18.90
CA ILE B 117 29.58 9.69 -20.02
C ILE B 117 30.41 8.52 -20.58
N PHE B 118 29.73 7.44 -20.97
CA PHE B 118 30.39 6.22 -21.44
C PHE B 118 29.84 5.81 -22.80
N PRO B 119 30.64 5.88 -23.86
CA PRO B 119 30.16 5.44 -25.18
C PRO B 119 29.90 3.95 -25.19
N PRO B 120 29.15 3.44 -26.16
CA PRO B 120 29.00 1.98 -26.25
C PRO B 120 30.35 1.36 -26.57
N SER B 121 30.54 0.14 -26.06
CA SER B 121 31.76 -0.60 -26.32
C SER B 121 31.72 -1.19 -27.73
N ASP B 122 32.90 -1.41 -28.29
CA ASP B 122 32.99 -2.07 -29.59
C ASP B 122 32.32 -3.43 -29.55
N GLU B 123 32.53 -4.20 -28.46
CA GLU B 123 31.89 -5.50 -28.36
C GLU B 123 30.38 -5.39 -28.57
N GLN B 124 29.73 -4.44 -27.88
CA GLN B 124 28.28 -4.37 -27.97
C GLN B 124 27.82 -3.94 -29.36
N LEU B 125 28.56 -3.03 -29.99
CA LEU B 125 28.20 -2.57 -31.32
C LEU B 125 28.24 -3.69 -32.35
N LYS B 126 29.13 -4.69 -32.18
CA LYS B 126 29.08 -5.87 -33.02
C LYS B 126 27.69 -6.51 -33.00
N SER B 127 27.02 -6.50 -31.84
CA SER B 127 25.73 -7.13 -31.63
C SER B 127 24.55 -6.37 -32.24
N GLY B 128 24.75 -5.12 -32.67
CA GLY B 128 23.67 -4.38 -33.29
C GLY B 128 22.91 -3.44 -32.39
N THR B 129 23.36 -3.21 -31.15
CA THR B 129 22.76 -2.23 -30.25
C THR B 129 23.85 -1.36 -29.68
N ALA B 130 23.50 -0.09 -29.40
CA ALA B 130 24.38 0.83 -28.71
C ALA B 130 23.70 1.28 -27.43
N SER B 131 24.36 1.06 -26.30
CA SER B 131 23.91 1.60 -25.01
C SER B 131 24.90 2.67 -24.62
N VAL B 132 24.40 3.88 -24.38
CA VAL B 132 25.21 5.02 -23.94
C VAL B 132 24.80 5.30 -22.50
N VAL B 133 25.78 5.38 -21.61
CA VAL B 133 25.51 5.45 -20.18
C VAL B 133 26.03 6.77 -19.66
N CYS B 134 25.19 7.48 -18.92
CA CYS B 134 25.56 8.70 -18.25
C CYS B 134 25.40 8.46 -16.75
N LEU B 135 26.45 8.75 -16.00
CA LEU B 135 26.52 8.49 -14.57
C LEU B 135 26.53 9.79 -13.80
N LEU B 136 25.68 9.88 -12.78
CA LEU B 136 25.66 10.99 -11.83
C LEU B 136 26.08 10.40 -10.48
N ASN B 137 27.25 10.77 -10.00
CA ASN B 137 27.84 10.08 -8.85
C ASN B 137 27.84 10.95 -7.61
N ASN B 138 27.36 10.38 -6.50
CA ASN B 138 27.55 10.93 -5.16
C ASN B 138 27.01 12.36 -5.03
N PHE B 139 25.71 12.50 -5.24
CA PHE B 139 25.07 13.80 -5.16
C PHE B 139 23.99 13.83 -4.09
N TYR B 140 23.63 15.05 -3.67
CA TYR B 140 22.53 15.31 -2.76
C TYR B 140 22.06 16.74 -3.01
N PRO B 141 20.73 17.00 -3.13
CA PRO B 141 19.60 16.10 -2.87
C PRO B 141 19.27 15.17 -4.04
N ARG B 142 18.26 14.32 -3.82
CA ARG B 142 17.91 13.27 -4.77
C ARG B 142 17.45 13.82 -6.12
N GLU B 143 16.75 14.95 -6.13
CA GLU B 143 16.21 15.50 -7.38
C GLU B 143 17.32 15.80 -8.37
N ALA B 144 17.17 15.29 -9.60
CA ALA B 144 18.11 15.62 -10.66
C ALA B 144 17.45 15.35 -12.01
N LYS B 145 17.74 16.22 -12.98
CA LYS B 145 17.22 16.08 -14.33
C LYS B 145 18.36 15.73 -15.28
N VAL B 146 18.16 14.68 -16.07
CA VAL B 146 19.15 14.20 -17.03
C VAL B 146 18.50 14.16 -18.40
N GLN B 147 19.08 14.90 -19.34
CA GLN B 147 18.52 14.97 -20.69
C GLN B 147 19.59 14.57 -21.68
N TRP B 148 19.21 13.75 -22.63
CA TRP B 148 20.11 13.30 -23.68
C TRP B 148 19.92 14.18 -24.90
N LYS B 149 21.03 14.50 -25.56
CA LYS B 149 21.01 15.28 -26.78
C LYS B 149 21.93 14.61 -27.79
N VAL B 150 21.38 14.30 -28.95
CA VAL B 150 22.12 13.65 -30.04
C VAL B 150 22.15 14.64 -31.20
N ASP B 151 23.34 15.11 -31.56
CA ASP B 151 23.52 16.20 -32.53
C ASP B 151 22.65 17.40 -32.18
N ASN B 152 22.65 17.74 -30.89
CA ASN B 152 21.93 18.84 -30.28
C ASN B 152 20.42 18.67 -30.26
N ALA B 153 19.90 17.48 -30.57
CA ALA B 153 18.46 17.25 -30.58
C ALA B 153 18.04 16.49 -29.32
N LEU B 154 17.03 17.01 -28.62
CA LEU B 154 16.61 16.43 -27.35
C LEU B 154 15.95 15.08 -27.58
N GLN B 155 16.33 14.09 -26.79
CA GLN B 155 15.80 12.75 -26.92
C GLN B 155 14.62 12.55 -25.97
N SER B 156 13.69 11.68 -26.35
CA SER B 156 12.67 11.22 -25.41
C SER B 156 12.32 9.78 -25.74
N GLY B 157 11.91 9.04 -24.71
CA GLY B 157 11.40 7.70 -24.89
C GLY B 157 12.43 6.63 -25.13
N ASN B 158 13.72 6.97 -25.21
CA ASN B 158 14.75 5.98 -25.50
C ASN B 158 15.81 5.87 -24.40
N SER B 159 15.50 6.34 -23.19
CA SER B 159 16.41 6.24 -22.05
C SER B 159 15.67 5.73 -20.83
N GLN B 160 16.41 5.09 -19.92
CA GLN B 160 15.87 4.68 -18.63
C GLN B 160 16.84 5.03 -17.52
N GLU B 161 16.28 5.33 -16.36
CA GLU B 161 17.04 5.79 -15.20
C GLU B 161 16.91 4.80 -14.08
N SER B 162 17.99 4.70 -13.29
CA SER B 162 18.06 3.89 -12.09
C SER B 162 18.85 4.66 -11.03
N VAL B 163 18.44 4.54 -9.77
CA VAL B 163 18.99 5.34 -8.69
C VAL B 163 19.30 4.44 -7.50
N THR B 164 20.36 4.76 -6.76
CA THR B 164 20.68 3.97 -5.58
C THR B 164 19.89 4.47 -4.36
N GLU B 165 19.89 3.66 -3.31
CA GLU B 165 19.38 4.12 -2.02
C GLU B 165 20.39 5.09 -1.41
N GLN B 166 19.91 5.97 -0.52
CA GLN B 166 20.82 6.93 0.10
C GLN B 166 21.99 6.22 0.77
N ASP B 167 23.21 6.69 0.51
CA ASP B 167 24.41 5.96 0.93
C ASP B 167 24.60 6.02 2.44
N SER B 168 24.99 4.88 3.03
CA SER B 168 25.11 4.79 4.48
C SER B 168 26.27 5.61 5.02
N LYS B 169 27.29 5.88 4.20
CA LYS B 169 28.48 6.58 4.68
C LYS B 169 28.40 8.09 4.49
N ASP B 170 28.02 8.55 3.29
CA ASP B 170 28.05 9.97 2.97
C ASP B 170 26.68 10.54 2.62
N SER B 171 25.61 9.75 2.73
CA SER B 171 24.24 10.21 2.55
C SER B 171 23.96 10.74 1.14
N THR B 172 24.77 10.35 0.17
CA THR B 172 24.55 10.75 -1.22
C THR B 172 23.77 9.69 -1.99
N TYR B 173 23.36 10.09 -3.19
CA TYR B 173 22.76 9.21 -4.17
C TYR B 173 23.66 9.16 -5.40
N SER B 174 23.50 8.09 -6.18
CA SER B 174 24.06 7.99 -7.51
C SER B 174 22.99 7.51 -8.47
N LEU B 175 23.12 7.90 -9.72
CA LEU B 175 22.08 7.67 -10.70
C LEU B 175 22.74 7.38 -12.02
N SER B 176 22.16 6.43 -12.77
CA SER B 176 22.53 6.15 -14.14
C SER B 176 21.35 6.47 -15.04
N SER B 177 21.65 7.06 -16.19
CA SER B 177 20.72 7.18 -17.29
C SER B 177 21.33 6.46 -18.49
N THR B 178 20.60 5.50 -19.04
CA THR B 178 21.08 4.71 -20.18
C THR B 178 20.25 5.04 -21.42
N LEU B 179 20.95 5.51 -22.45
CA LEU B 179 20.35 5.71 -23.77
C LEU B 179 20.58 4.47 -24.63
N THR B 180 19.51 3.94 -25.21
CA THR B 180 19.58 2.71 -25.98
C THR B 180 19.14 2.99 -27.42
N LEU B 181 20.05 2.80 -28.36
CA LEU B 181 19.80 3.01 -29.78
C LEU B 181 20.21 1.75 -30.54
N SER B 182 19.57 1.53 -31.69
CA SER B 182 20.10 0.52 -32.59
C SER B 182 21.45 0.98 -33.13
N LYS B 183 22.28 0.02 -33.54
CA LYS B 183 23.54 0.41 -34.17
C LYS B 183 23.29 1.32 -35.38
N ALA B 184 22.25 1.00 -36.15
CA ALA B 184 21.92 1.80 -37.33
C ALA B 184 21.68 3.25 -36.97
N ASP B 185 20.83 3.50 -35.97
CA ASP B 185 20.54 4.88 -35.61
C ASP B 185 21.73 5.54 -34.92
N TYR B 186 22.48 4.77 -34.13
CA TYR B 186 23.65 5.31 -33.45
C TYR B 186 24.63 5.90 -34.46
N GLU B 187 24.94 5.16 -35.53
CA GLU B 187 25.87 5.63 -36.54
C GLU B 187 25.28 6.69 -37.47
N LYS B 188 24.03 7.12 -37.27
CA LYS B 188 23.50 8.24 -38.04
C LYS B 188 23.90 9.60 -37.47
N HIS B 189 24.65 9.66 -36.37
CA HIS B 189 24.89 10.93 -35.70
C HIS B 189 26.30 10.97 -35.12
N LYS B 190 26.76 12.19 -34.83
CA LYS B 190 28.11 12.36 -34.31
C LYS B 190 28.16 12.62 -32.80
N VAL B 191 27.39 13.56 -32.28
CA VAL B 191 27.61 14.10 -30.94
C VAL B 191 26.59 13.50 -29.97
N TYR B 192 27.09 12.83 -28.93
CA TYR B 192 26.25 12.23 -27.89
C TYR B 192 26.55 12.90 -26.55
N ALA B 193 25.54 13.52 -25.96
CA ALA B 193 25.71 14.36 -24.78
C ALA B 193 24.61 14.07 -23.77
N CYS B 194 24.97 13.92 -22.50
CA CYS B 194 23.94 13.97 -21.47
C CYS B 194 24.12 15.28 -20.70
N GLU B 195 23.01 15.96 -20.45
CA GLU B 195 23.02 17.26 -19.81
C GLU B 195 22.28 17.16 -18.49
N VAL B 196 22.91 17.63 -17.41
CA VAL B 196 22.43 17.40 -16.06
C VAL B 196 22.16 18.73 -15.39
N THR B 197 21.01 18.84 -14.73
CA THR B 197 20.72 19.96 -13.87
C THR B 197 20.44 19.46 -12.46
N HIS B 198 20.91 20.20 -11.47
CA HIS B 198 20.85 19.77 -10.08
C HIS B 198 21.08 21.00 -9.21
N GLN B 199 20.50 20.97 -8.00
CA GLN B 199 20.63 22.11 -7.10
C GLN B 199 22.09 22.51 -6.91
N GLY B 200 23.02 21.55 -6.94
CA GLY B 200 24.42 21.87 -6.75
C GLY B 200 25.14 22.42 -7.95
N LEU B 201 24.44 22.63 -9.06
CA LEU B 201 25.02 23.10 -10.31
C LEU B 201 24.41 24.43 -10.68
N SER B 202 25.24 25.49 -10.70
CA SER B 202 24.74 26.81 -11.05
C SER B 202 24.10 26.82 -12.43
N SER B 203 24.72 26.13 -13.39
CA SER B 203 24.15 25.97 -14.72
C SER B 203 24.24 24.49 -15.13
N PRO B 204 23.34 24.04 -16.01
CA PRO B 204 23.38 22.63 -16.40
C PRO B 204 24.73 22.24 -16.97
N VAL B 205 25.17 21.05 -16.61
CA VAL B 205 26.48 20.53 -17.00
C VAL B 205 26.28 19.50 -18.10
N THR B 206 27.16 19.52 -19.10
CA THR B 206 27.09 18.59 -20.22
C THR B 206 28.39 17.79 -20.31
N LYS B 207 28.24 16.48 -20.45
CA LYS B 207 29.34 15.62 -20.85
C LYS B 207 28.98 15.02 -22.20
N SER B 208 29.95 15.01 -23.11
CA SER B 208 29.69 14.53 -24.46
C SER B 208 30.93 13.89 -25.03
N PHE B 209 30.71 13.17 -26.12
CA PHE B 209 31.77 12.59 -26.92
C PHE B 209 31.29 12.60 -28.36
N ASN B 210 32.24 12.58 -29.30
CA ASN B 210 31.96 12.38 -30.71
C ASN B 210 32.18 10.91 -31.05
N ARG B 211 31.18 10.29 -31.66
CA ARG B 211 31.24 8.88 -32.02
C ARG B 211 32.53 8.59 -32.79
N GLY B 212 33.30 7.63 -32.30
CA GLY B 212 34.62 7.35 -32.84
C GLY B 212 35.77 8.13 -32.24
N GLU B 213 35.76 8.39 -30.93
CA GLU B 213 36.85 9.07 -30.23
C GLU B 213 37.30 10.33 -30.98
N CYS B 214 36.32 11.15 -31.37
CA CYS B 214 36.60 12.42 -32.08
C CYS B 214 36.31 13.66 -31.23
N ASN C 1 -13.68 2.55 34.88
CA ASN C 1 -13.94 3.12 33.54
C ASN C 1 -15.35 2.80 33.08
N LEU C 2 -16.20 3.82 32.96
CA LEU C 2 -17.56 3.58 32.46
C LEU C 2 -17.53 3.53 30.94
N CYS C 3 -18.09 2.47 30.37
CA CYS C 3 -18.11 2.35 28.92
C CYS C 3 -18.82 3.56 28.31
N PRO C 4 -18.31 4.09 27.17
CA PRO C 4 -18.83 5.32 26.59
C PRO C 4 -20.15 5.18 25.82
N PHE C 5 -21.16 4.61 26.48
CA PHE C 5 -22.44 4.36 25.81
C PHE C 5 -23.21 5.65 25.58
N GLY C 6 -23.05 6.63 26.48
CA GLY C 6 -23.75 7.90 26.30
C GLY C 6 -23.35 8.62 25.02
N GLU C 7 -22.13 8.38 24.53
CA GLU C 7 -21.75 8.97 23.24
C GLU C 7 -22.43 8.26 22.08
N VAL C 8 -22.75 6.97 22.23
CA VAL C 8 -23.51 6.28 21.20
C VAL C 8 -24.96 6.75 21.19
N PHE C 9 -25.68 6.54 22.30
CA PHE C 9 -27.12 6.82 22.32
C PHE C 9 -27.44 8.30 22.16
N ASN C 10 -26.58 9.18 22.65
CA ASN C 10 -26.88 10.61 22.67
C ASN C 10 -26.04 11.39 21.67
N ALA C 11 -25.39 10.70 20.72
CA ALA C 11 -24.70 11.39 19.64
C ALA C 11 -25.65 12.33 18.91
N THR C 12 -25.17 13.54 18.62
CA THR C 12 -26.02 14.52 17.97
C THR C 12 -26.40 14.08 16.57
N ARG C 13 -25.47 13.49 15.84
CA ARG C 13 -25.74 13.02 14.50
C ARG C 13 -25.68 11.49 14.45
N PHE C 14 -26.55 10.91 13.64
CA PHE C 14 -26.65 9.47 13.46
C PHE C 14 -26.42 9.15 11.99
N ALA C 15 -25.84 7.97 11.75
CA ALA C 15 -25.53 7.53 10.39
C ALA C 15 -26.80 7.21 9.60
N SER C 16 -26.70 7.36 8.28
CA SER C 16 -27.63 6.67 7.39
C SER C 16 -27.44 5.16 7.53
N VAL C 17 -28.53 4.42 7.37
CA VAL C 17 -28.48 2.98 7.62
C VAL C 17 -27.55 2.28 6.65
N TYR C 18 -27.48 2.71 5.39
CA TYR C 18 -26.59 2.05 4.44
C TYR C 18 -25.13 2.21 4.85
N ALA C 19 -24.80 3.34 5.51
CA ALA C 19 -23.43 3.55 6.00
C ALA C 19 -23.44 3.47 7.51
N TRP C 20 -24.05 2.41 8.05
CA TRP C 20 -24.23 2.31 9.49
C TRP C 20 -22.91 2.45 10.22
N ASN C 21 -22.96 3.21 11.30
CA ASN C 21 -21.82 3.46 12.16
C ASN C 21 -21.60 2.27 13.08
N ARG C 22 -20.34 1.87 13.26
CA ARG C 22 -19.98 0.81 14.20
C ARG C 22 -18.90 1.32 15.14
N LYS C 23 -19.16 1.24 16.45
CA LYS C 23 -18.20 1.66 17.46
C LYS C 23 -17.77 0.45 18.29
N ARG C 24 -16.47 0.21 18.40
CA ARG C 24 -15.98 -0.88 19.24
C ARG C 24 -15.82 -0.39 20.67
N ILE C 25 -16.41 -1.14 21.60
CA ILE C 25 -16.36 -0.85 23.03
C ILE C 25 -15.42 -1.87 23.66
N SER C 26 -14.47 -1.40 24.47
CA SER C 26 -13.59 -2.32 25.18
C SER C 26 -12.97 -1.63 26.39
N ASN C 27 -12.47 -2.47 27.32
CA ASN C 27 -11.71 -2.05 28.51
C ASN C 27 -12.45 -0.98 29.31
N CYS C 28 -13.59 -1.40 29.85
CA CYS C 28 -14.51 -0.49 30.51
C CYS C 28 -15.57 -1.34 31.18
N VAL C 29 -16.32 -0.72 32.10
CA VAL C 29 -17.45 -1.38 32.75
C VAL C 29 -18.73 -0.71 32.27
N ALA C 30 -19.77 -1.52 32.12
CA ALA C 30 -21.03 -1.07 31.56
C ALA C 30 -22.21 -1.49 32.44
N ASP C 31 -23.15 -0.57 32.64
CA ASP C 31 -24.39 -0.90 33.35
C ASP C 31 -25.52 -0.93 32.32
N TYR C 32 -25.92 -2.14 31.93
CA TYR C 32 -26.90 -2.31 30.87
C TYR C 32 -28.33 -2.16 31.38
N SER C 33 -28.60 -2.51 32.64
CA SER C 33 -29.96 -2.40 33.15
C SER C 33 -30.45 -0.96 33.18
N VAL C 34 -29.55 0.02 33.39
CA VAL C 34 -29.93 1.42 33.34
C VAL C 34 -30.52 1.77 31.97
N LEU C 35 -29.94 1.18 30.91
CA LEU C 35 -30.55 1.32 29.58
C LEU C 35 -31.91 0.66 29.53
N TYR C 36 -32.02 -0.59 30.01
CA TYR C 36 -33.31 -1.30 29.99
C TYR C 36 -34.38 -0.51 30.75
N ASN C 37 -34.03 0.08 31.89
CA ASN C 37 -34.96 0.90 32.65
C ASN C 37 -34.73 2.38 32.32
N SER C 38 -35.15 2.75 31.12
CA SER C 38 -34.99 4.11 30.65
C SER C 38 -36.30 4.81 30.30
N ALA C 39 -37.31 4.07 29.83
CA ALA C 39 -38.64 4.59 29.50
C ALA C 39 -38.63 5.51 28.28
N SER C 40 -37.48 5.76 27.67
CA SER C 40 -37.41 6.50 26.42
C SER C 40 -37.33 5.60 25.20
N PHE C 41 -37.15 4.28 25.40
CA PHE C 41 -36.98 3.32 24.32
C PHE C 41 -38.31 2.63 24.03
N SER C 42 -38.76 2.73 22.78
CA SER C 42 -39.95 2.03 22.34
C SER C 42 -39.65 0.63 21.78
N THR C 43 -38.38 0.24 21.71
CA THR C 43 -37.98 -1.10 21.32
C THR C 43 -36.75 -1.48 22.14
N PHE C 44 -36.73 -2.70 22.67
CA PHE C 44 -35.58 -3.21 23.41
C PHE C 44 -35.55 -4.73 23.41
N LYS C 45 -35.18 -5.35 22.29
CA LYS C 45 -35.27 -6.80 22.13
C LYS C 45 -33.87 -7.40 22.08
N CYS C 46 -33.61 -8.38 22.93
CA CYS C 46 -32.33 -9.06 22.99
C CYS C 46 -32.44 -10.48 22.46
N TYR C 47 -31.30 -11.01 22.03
CA TYR C 47 -31.21 -12.35 21.43
C TYR C 47 -29.95 -13.04 21.94
N GLY C 48 -30.10 -14.29 22.39
CA GLY C 48 -28.98 -15.01 22.94
C GLY C 48 -28.50 -14.55 24.30
N VAL C 49 -29.16 -13.55 24.90
CA VAL C 49 -28.83 -13.06 26.24
C VAL C 49 -30.11 -12.55 26.86
N SER C 50 -30.10 -12.41 28.18
CA SER C 50 -31.20 -11.74 28.84
C SER C 50 -30.78 -10.33 29.23
N PRO C 51 -31.64 -9.34 29.03
CA PRO C 51 -31.27 -7.97 29.44
C PRO C 51 -30.83 -7.87 30.90
N THR C 52 -31.39 -8.73 31.74
CA THR C 52 -31.00 -8.77 33.15
C THR C 52 -29.60 -9.36 33.32
N LYS C 53 -29.32 -10.49 32.66
CA LYS C 53 -28.04 -11.18 32.82
C LYS C 53 -26.88 -10.47 32.13
N LEU C 54 -27.11 -9.32 31.49
CA LEU C 54 -26.02 -8.63 30.80
C LEU C 54 -25.00 -8.07 31.78
N ASN C 55 -25.44 -7.63 32.96
CA ASN C 55 -24.54 -7.04 33.93
C ASN C 55 -23.66 -8.06 34.63
N ASP C 56 -23.96 -9.35 34.49
CA ASP C 56 -23.16 -10.40 35.11
C ASP C 56 -22.32 -11.16 34.09
N LEU C 57 -22.15 -10.62 32.89
CA LEU C 57 -21.38 -11.26 31.84
C LEU C 57 -20.26 -10.34 31.36
N CYS C 58 -19.18 -10.95 30.88
CA CYS C 58 -18.02 -10.26 30.32
C CYS C 58 -17.81 -10.71 28.88
N PHE C 59 -17.24 -9.84 28.05
CA PHE C 59 -17.04 -10.15 26.64
C PHE C 59 -15.73 -9.55 26.15
N THR C 60 -15.19 -10.16 25.09
CA THR C 60 -13.99 -9.60 24.46
C THR C 60 -14.26 -8.22 23.87
N ASN C 61 -15.28 -8.12 23.01
CA ASN C 61 -15.72 -6.86 22.41
C ASN C 61 -17.22 -6.70 22.58
N VAL C 62 -17.64 -5.46 22.78
CA VAL C 62 -19.03 -5.07 22.56
C VAL C 62 -19.02 -4.12 21.37
N TYR C 63 -19.90 -4.38 20.40
CA TYR C 63 -20.09 -3.48 19.27
C TYR C 63 -21.39 -2.70 19.42
N ALA C 64 -21.33 -1.40 19.16
CA ALA C 64 -22.50 -0.53 19.16
C ALA C 64 -22.70 0.00 17.75
N ASP C 65 -23.69 -0.55 17.05
CA ASP C 65 -24.05 -0.10 15.71
C ASP C 65 -25.25 0.82 15.79
N SER C 66 -25.21 1.94 15.05
CA SER C 66 -26.28 2.91 15.13
C SER C 66 -26.58 3.50 13.77
N PHE C 67 -27.85 3.87 13.58
CA PHE C 67 -28.32 4.40 12.29
C PHE C 67 -29.78 4.85 12.46
N VAL C 68 -30.33 5.42 11.40
CA VAL C 68 -31.72 5.87 11.34
C VAL C 68 -32.45 5.07 10.25
N ILE C 69 -33.67 4.65 10.57
CA ILE C 69 -34.58 3.99 9.63
C ILE C 69 -35.98 4.53 9.92
N ARG C 70 -36.97 4.09 9.15
CA ARG C 70 -38.30 4.54 9.52
C ARG C 70 -38.98 3.54 10.44
N GLY C 71 -40.02 4.03 11.14
CA GLY C 71 -40.64 3.23 12.19
C GLY C 71 -41.09 1.86 11.72
N ASP C 72 -41.66 1.79 10.52
CA ASP C 72 -42.11 0.52 9.94
C ASP C 72 -40.98 -0.49 9.78
N GLU C 73 -39.73 -0.05 9.87
CA GLU C 73 -38.60 -0.87 9.52
C GLU C 73 -37.86 -1.41 10.73
N VAL C 74 -38.19 -0.94 11.93
CA VAL C 74 -37.54 -1.44 13.13
C VAL C 74 -37.69 -2.96 13.23
N ARG C 75 -38.83 -3.50 12.76
CA ARG C 75 -39.04 -4.94 12.80
C ARG C 75 -38.02 -5.69 11.97
N GLN C 76 -37.45 -5.05 10.94
CA GLN C 76 -36.44 -5.74 10.13
C GLN C 76 -35.10 -5.87 10.83
N ILE C 77 -34.87 -5.13 11.91
CA ILE C 77 -33.61 -5.18 12.66
C ILE C 77 -33.73 -6.30 13.68
N ALA C 78 -33.69 -7.54 13.21
CA ALA C 78 -33.73 -8.72 14.04
C ALA C 78 -33.19 -9.89 13.23
N PRO C 79 -32.75 -10.96 13.88
CA PRO C 79 -32.30 -12.13 13.13
C PRO C 79 -33.46 -12.78 12.37
N GLY C 80 -33.16 -13.21 11.15
CA GLY C 80 -34.11 -13.93 10.32
C GLY C 80 -35.21 -13.10 9.69
N GLN C 81 -35.00 -11.80 9.50
CA GLN C 81 -35.97 -10.93 8.84
C GLN C 81 -35.55 -10.65 7.41
N THR C 82 -36.53 -10.28 6.60
CA THR C 82 -36.33 -9.91 5.21
C THR C 82 -36.95 -8.54 4.95
N GLY C 83 -36.55 -7.94 3.85
CA GLY C 83 -36.95 -6.60 3.49
C GLY C 83 -35.78 -5.80 2.95
N LYS C 84 -36.02 -4.58 2.45
CA LYS C 84 -34.94 -3.80 1.86
C LYS C 84 -33.81 -3.57 2.85
N ILE C 85 -34.16 -3.32 4.11
CA ILE C 85 -33.13 -2.96 5.10
C ILE C 85 -32.29 -4.18 5.45
N ALA C 86 -32.95 -5.27 5.84
CA ALA C 86 -32.24 -6.50 6.20
C ALA C 86 -31.41 -7.01 5.03
N ASP C 87 -31.98 -6.99 3.82
CA ASP C 87 -31.29 -7.57 2.67
C ASP C 87 -30.16 -6.69 2.18
N TYR C 88 -30.38 -5.38 2.11
CA TYR C 88 -29.47 -4.48 1.40
C TYR C 88 -28.73 -3.49 2.29
N ASN C 89 -29.07 -3.37 3.57
CA ASN C 89 -28.52 -2.25 4.33
C ASN C 89 -27.78 -2.67 5.59
N TYR C 90 -28.47 -3.44 6.44
CA TYR C 90 -27.90 -3.88 7.72
C TYR C 90 -28.47 -5.24 8.06
N LYS C 91 -27.62 -6.26 8.13
CA LYS C 91 -28.07 -7.64 8.27
C LYS C 91 -27.47 -8.26 9.53
N LEU C 92 -28.34 -8.77 10.42
CA LEU C 92 -28.02 -9.48 11.65
C LEU C 92 -27.95 -10.99 11.41
N PRO C 93 -26.98 -11.68 11.98
CA PRO C 93 -26.86 -13.12 11.74
C PRO C 93 -27.91 -13.90 12.51
N ASP C 94 -28.07 -15.17 12.10
CA ASP C 94 -29.05 -16.05 12.74
C ASP C 94 -28.76 -16.25 14.22
N ASP C 95 -27.48 -16.42 14.56
CA ASP C 95 -27.02 -16.66 15.93
C ASP C 95 -26.70 -15.35 16.64
N PHE C 96 -27.38 -14.27 16.25
CA PHE C 96 -27.12 -12.95 16.81
C PHE C 96 -27.15 -13.00 18.32
N THR C 97 -26.08 -12.52 18.95
CA THR C 97 -26.03 -12.36 20.39
C THR C 97 -25.96 -10.87 20.72
N GLY C 98 -27.10 -10.28 21.06
CA GLY C 98 -27.12 -8.88 21.41
C GLY C 98 -28.54 -8.35 21.54
N CYS C 99 -28.65 -7.02 21.54
CA CYS C 99 -29.91 -6.34 21.77
C CYS C 99 -30.12 -5.23 20.74
N VAL C 100 -31.37 -5.02 20.36
CA VAL C 100 -31.78 -4.01 19.39
C VAL C 100 -32.60 -2.96 20.14
N ILE C 101 -32.14 -1.71 20.11
CA ILE C 101 -32.77 -0.62 20.86
C ILE C 101 -33.17 0.46 19.88
N ALA C 102 -34.41 0.96 20.00
CA ALA C 102 -34.84 2.00 19.07
C ALA C 102 -35.81 2.94 19.77
N TRP C 103 -35.94 4.13 19.18
CA TRP C 103 -36.83 5.16 19.72
C TRP C 103 -37.18 6.17 18.64
N ASN C 104 -38.40 6.68 18.71
CA ASN C 104 -38.86 7.67 17.77
C ASN C 104 -37.99 8.91 17.84
N SER C 105 -37.54 9.40 16.68
CA SER C 105 -36.69 10.59 16.63
C SER C 105 -37.27 11.64 15.70
N ASN C 106 -38.61 11.68 15.59
CA ASN C 106 -39.28 12.64 14.71
C ASN C 106 -38.91 14.08 15.05
N ASN C 107 -38.69 14.38 16.33
CA ASN C 107 -38.38 15.75 16.75
C ASN C 107 -37.04 16.23 16.21
N LEU C 108 -36.08 15.32 16.06
CA LEU C 108 -34.73 15.62 15.62
C LEU C 108 -34.51 15.40 14.12
N ASP C 109 -35.14 14.38 13.53
CA ASP C 109 -34.73 13.88 12.23
C ASP C 109 -35.74 14.13 11.12
N SER C 110 -36.85 14.79 11.41
CA SER C 110 -37.77 15.24 10.37
C SER C 110 -37.53 16.71 10.08
N LYS C 111 -37.77 17.10 8.82
CA LYS C 111 -37.61 18.47 8.38
C LYS C 111 -38.74 18.83 7.43
N VAL C 112 -39.23 20.06 7.58
CA VAL C 112 -40.37 20.52 6.79
C VAL C 112 -39.97 20.58 5.32
N GLY C 113 -40.80 20.00 4.45
CA GLY C 113 -40.45 19.79 3.07
C GLY C 113 -39.71 18.49 2.79
N GLY C 114 -39.26 17.79 3.82
CA GLY C 114 -38.53 16.55 3.71
C GLY C 114 -37.10 16.71 4.21
N ASN C 115 -36.56 15.61 4.75
CA ASN C 115 -35.14 15.52 5.09
C ASN C 115 -34.42 14.80 3.95
N TYR C 116 -33.47 15.49 3.32
CA TYR C 116 -32.61 14.87 2.32
C TYR C 116 -31.54 13.98 2.94
N ASN C 117 -31.32 14.07 4.25
CA ASN C 117 -30.03 13.65 4.79
C ASN C 117 -29.92 12.12 4.89
N TYR C 118 -31.00 11.47 5.30
CA TYR C 118 -30.94 10.05 5.65
C TYR C 118 -31.26 9.21 4.42
N LEU C 119 -30.38 8.27 4.11
CA LEU C 119 -30.48 7.48 2.89
C LEU C 119 -30.56 6.01 3.23
N TYR C 120 -31.02 5.23 2.26
CA TYR C 120 -31.04 3.78 2.34
C TYR C 120 -30.75 3.21 0.96
N ARG C 121 -30.20 2.00 0.93
CA ARG C 121 -29.91 1.32 -0.32
C ARG C 121 -31.15 0.57 -0.79
N LEU C 122 -31.60 0.89 -2.01
CA LEU C 122 -32.80 0.30 -2.60
C LEU C 122 -32.51 -0.82 -3.58
N PHE C 123 -31.35 -0.78 -4.24
CA PHE C 123 -30.96 -1.78 -5.23
C PHE C 123 -29.58 -2.34 -4.88
N ARG C 124 -29.46 -3.66 -4.94
CA ARG C 124 -28.18 -4.34 -4.80
C ARG C 124 -28.22 -5.64 -5.58
N LYS C 125 -27.09 -6.00 -6.21
CA LYS C 125 -27.08 -7.24 -6.98
C LYS C 125 -27.16 -8.48 -6.11
N SER C 126 -26.84 -8.39 -4.81
CA SER C 126 -27.01 -9.54 -3.92
C SER C 126 -27.32 -9.04 -2.52
N ASN C 127 -27.73 -9.96 -1.64
CA ASN C 127 -27.97 -9.64 -0.23
C ASN C 127 -26.66 -9.49 0.52
N LEU C 128 -26.71 -8.66 1.57
CA LEU C 128 -25.56 -8.47 2.45
C LEU C 128 -25.31 -9.72 3.29
N LYS C 129 -24.02 -10.05 3.48
CA LYS C 129 -23.63 -10.97 4.54
C LYS C 129 -23.87 -10.28 5.89
N PRO C 130 -24.00 -11.05 6.97
CA PRO C 130 -24.25 -10.42 8.28
C PRO C 130 -23.10 -9.50 8.68
N PHE C 131 -23.49 -8.33 9.20
CA PHE C 131 -22.58 -7.26 9.59
C PHE C 131 -21.76 -6.72 8.42
N GLU C 132 -22.15 -7.00 7.19
CA GLU C 132 -21.49 -6.40 6.05
C GLU C 132 -22.01 -4.99 5.84
N ARG C 133 -21.13 -4.10 5.38
CA ARG C 133 -21.44 -2.71 5.11
C ARG C 133 -21.03 -2.38 3.69
N ASP C 134 -21.91 -1.69 2.97
CA ASP C 134 -21.69 -1.36 1.57
C ASP C 134 -22.01 0.12 1.40
N ILE C 135 -20.98 0.92 1.12
CA ILE C 135 -21.15 2.36 0.92
C ILE C 135 -20.94 2.75 -0.53
N SER C 136 -20.91 1.80 -1.45
CA SER C 136 -20.65 2.17 -2.84
C SER C 136 -21.83 2.92 -3.42
N THR C 137 -21.55 3.79 -4.40
CA THR C 137 -22.59 4.53 -5.10
C THR C 137 -22.57 4.31 -6.60
N GLU C 138 -22.01 3.19 -7.07
CA GLU C 138 -22.06 2.92 -8.49
C GLU C 138 -23.50 2.70 -8.94
N ILE C 139 -23.84 3.28 -10.11
CA ILE C 139 -25.18 3.12 -10.68
C ILE C 139 -25.50 1.65 -10.87
N TYR C 140 -26.74 1.28 -10.57
CA TYR C 140 -27.21 -0.10 -10.62
C TYR C 140 -27.64 -0.42 -12.04
N GLN C 141 -26.93 -1.31 -12.72
CA GLN C 141 -27.26 -1.67 -14.10
C GLN C 141 -28.33 -2.78 -14.07
N ALA C 142 -29.60 -2.37 -14.16
CA ALA C 142 -30.70 -3.33 -14.04
C ALA C 142 -30.81 -4.21 -15.28
N GLY C 143 -30.43 -3.68 -16.45
CA GLY C 143 -30.52 -4.47 -17.67
C GLY C 143 -29.16 -4.74 -18.32
N SER C 144 -29.16 -4.76 -19.66
CA SER C 144 -27.96 -5.05 -20.43
C SER C 144 -27.26 -3.79 -20.93
N THR C 145 -27.97 -2.67 -20.99
CA THR C 145 -27.40 -1.40 -21.44
C THR C 145 -26.40 -0.86 -20.41
N PRO C 146 -25.20 -0.47 -20.82
CA PRO C 146 -24.27 0.17 -19.89
C PRO C 146 -24.79 1.53 -19.42
N CYS C 147 -24.53 1.83 -18.14
CA CYS C 147 -24.98 3.08 -17.53
C CYS C 147 -23.99 4.23 -17.70
N ASN C 148 -22.70 3.93 -17.86
CA ASN C 148 -21.68 4.97 -18.08
C ASN C 148 -21.68 6.04 -16.98
N GLY C 149 -21.99 5.62 -15.75
CA GLY C 149 -21.85 6.48 -14.59
C GLY C 149 -23.04 7.37 -14.30
N VAL C 150 -24.15 7.20 -15.00
CA VAL C 150 -25.26 8.11 -14.86
C VAL C 150 -26.55 7.29 -14.80
N GLU C 151 -27.45 7.68 -13.91
CA GLU C 151 -28.76 7.08 -13.85
C GLU C 151 -29.49 7.27 -15.17
N GLY C 152 -30.41 6.36 -15.47
CA GLY C 152 -31.11 6.44 -16.74
C GLY C 152 -32.04 5.28 -16.97
N PHE C 153 -32.22 4.89 -18.23
CA PHE C 153 -33.07 3.76 -18.57
C PHE C 153 -32.43 2.47 -18.06
N ASN C 154 -33.10 1.78 -17.13
CA ASN C 154 -32.56 0.59 -16.46
C ASN C 154 -31.26 0.87 -15.73
N CYS C 155 -31.09 2.08 -15.22
CA CYS C 155 -29.85 2.51 -14.58
C CYS C 155 -30.22 3.37 -13.37
N TYR C 156 -30.11 2.80 -12.17
CA TYR C 156 -30.66 3.40 -10.97
C TYR C 156 -29.56 3.78 -9.98
N PHE C 157 -29.60 5.03 -9.52
CA PHE C 157 -28.74 5.39 -8.40
C PHE C 157 -29.15 4.53 -7.22
N PRO C 158 -28.22 3.85 -6.55
CA PRO C 158 -28.61 2.77 -5.64
C PRO C 158 -29.15 3.23 -4.29
N LEU C 159 -28.95 4.49 -3.90
CA LEU C 159 -29.39 4.99 -2.61
C LEU C 159 -30.55 5.96 -2.80
N GLN C 160 -31.50 5.93 -1.87
CA GLN C 160 -32.68 6.79 -1.90
C GLN C 160 -32.81 7.52 -0.58
N SER C 161 -33.36 8.73 -0.63
CA SER C 161 -33.60 9.51 0.57
C SER C 161 -34.94 9.14 1.19
N TYR C 162 -34.96 9.01 2.52
CA TYR C 162 -36.20 8.75 3.23
C TYR C 162 -37.19 9.90 3.09
N GLY C 163 -36.70 11.14 3.10
CA GLY C 163 -37.60 12.29 3.09
C GLY C 163 -38.55 12.29 4.27
N PHE C 164 -37.99 12.39 5.46
CA PHE C 164 -38.79 12.38 6.69
C PHE C 164 -39.51 13.71 6.85
N GLN C 165 -40.81 13.71 6.61
CA GLN C 165 -41.55 14.94 6.88
C GLN C 165 -42.23 14.87 8.23
N PRO C 166 -42.22 15.97 8.98
CA PRO C 166 -42.71 15.92 10.37
C PRO C 166 -44.16 15.48 10.49
N THR C 167 -44.97 15.65 9.46
CA THR C 167 -46.38 15.30 9.52
C THR C 167 -46.68 13.84 9.19
N ASN C 168 -45.66 13.02 8.91
CA ASN C 168 -45.87 11.63 8.56
C ASN C 168 -46.45 10.84 9.73
N GLY C 169 -47.13 9.73 9.40
CA GLY C 169 -47.50 8.76 10.43
C GLY C 169 -46.28 8.06 10.99
N VAL C 170 -46.47 7.39 12.14
CA VAL C 170 -45.32 6.85 12.89
C VAL C 170 -44.53 5.87 12.03
N GLY C 171 -45.21 5.06 11.21
CA GLY C 171 -44.50 4.09 10.38
C GLY C 171 -43.53 4.72 9.41
N TYR C 172 -43.80 5.95 8.98
CA TYR C 172 -42.90 6.69 8.12
C TYR C 172 -42.08 7.71 8.89
N GLN C 173 -42.13 7.67 10.20
CA GLN C 173 -41.36 8.61 10.98
C GLN C 173 -39.93 8.06 11.22
N PRO C 174 -38.94 8.91 11.43
CA PRO C 174 -37.59 8.40 11.67
C PRO C 174 -37.43 7.83 13.07
N TYR C 175 -36.73 6.70 13.15
CA TYR C 175 -36.38 6.08 14.42
C TYR C 175 -34.87 5.94 14.47
N ARG C 176 -34.29 6.34 15.60
CA ARG C 176 -32.87 6.06 15.83
C ARG C 176 -32.73 4.69 16.47
N VAL C 177 -31.78 3.92 15.96
CA VAL C 177 -31.55 2.53 16.36
C VAL C 177 -30.12 2.41 16.86
N VAL C 178 -29.94 1.69 17.97
CA VAL C 178 -28.63 1.29 18.45
C VAL C 178 -28.66 -0.22 18.66
N VAL C 179 -27.75 -0.94 18.00
CA VAL C 179 -27.66 -2.39 18.12
C VAL C 179 -26.39 -2.73 18.89
N LEU C 180 -26.55 -3.35 20.05
CA LEU C 180 -25.42 -3.86 20.82
C LEU C 180 -25.19 -5.32 20.49
N SER C 181 -23.95 -5.69 20.20
CA SER C 181 -23.59 -7.09 20.05
C SER C 181 -22.40 -7.39 20.93
N PHE C 182 -22.34 -8.64 21.39
CA PHE C 182 -21.38 -9.09 22.37
C PHE C 182 -20.59 -10.24 21.77
N GLU C 183 -19.27 -10.13 21.83
CA GLU C 183 -18.39 -11.08 21.17
C GLU C 183 -17.47 -11.67 22.24
N LEU C 184 -17.50 -12.99 22.38
CA LEU C 184 -16.57 -13.69 23.26
C LEU C 184 -15.63 -14.51 22.40
N LEU C 185 -14.35 -14.21 22.46
CA LEU C 185 -13.31 -14.97 21.77
C LEU C 185 -12.29 -15.45 22.80
N HIS C 186 -11.19 -16.03 22.33
CA HIS C 186 -10.17 -16.53 23.25
C HIS C 186 -9.38 -15.39 23.89
N ALA C 187 -9.31 -14.23 23.25
CA ALA C 187 -8.66 -13.08 23.84
C ALA C 187 -9.40 -12.65 25.11
N PRO C 188 -8.71 -11.93 26.01
CA PRO C 188 -9.33 -11.54 27.28
C PRO C 188 -10.63 -10.79 27.10
N ALA C 189 -11.56 -11.04 28.01
CA ALA C 189 -12.87 -10.38 28.01
C ALA C 189 -12.76 -9.13 28.88
N THR C 190 -12.53 -7.99 28.24
CA THR C 190 -12.17 -6.77 28.96
C THR C 190 -13.35 -5.85 29.28
N VAL C 191 -14.53 -6.09 28.69
CA VAL C 191 -15.70 -5.25 28.95
C VAL C 191 -16.69 -6.06 29.78
N CYS C 192 -16.93 -5.61 31.01
CA CYS C 192 -17.66 -6.38 32.00
C CYS C 192 -18.79 -5.55 32.59
N GLY C 193 -19.69 -6.24 33.27
CA GLY C 193 -20.69 -5.57 34.07
C GLY C 193 -20.11 -4.99 35.33
N PRO C 194 -20.99 -4.39 36.16
CA PRO C 194 -20.56 -3.79 37.43
C PRO C 194 -20.32 -4.84 38.52
C1 NAG D . -28.87 10.78 27.28
C2 NAG D . -28.59 9.69 28.32
C3 NAG D . -29.74 9.59 29.33
C4 NAG D . -30.06 10.94 29.94
C5 NAG D . -30.34 11.95 28.84
C6 NAG D . -30.63 13.36 29.35
C7 NAG D . -27.25 7.68 27.89
C8 NAG D . -27.20 6.35 27.19
N2 NAG D . -28.36 8.40 27.70
O3 NAG D . -29.39 8.66 30.34
O4 NAG D . -31.19 10.85 30.80
O5 NAG D . -29.20 12.04 27.95
O6 NAG D . -29.53 14.24 29.21
O7 NAG D . -26.33 8.09 28.59
#